data_9F3M
#
_entry.id   9F3M
#
_cell.length_a   207.116
_cell.length_b   207.116
_cell.length_c   89.376
_cell.angle_alpha   90.000
_cell.angle_beta   90.000
_cell.angle_gamma   90.000
#
_symmetry.space_group_name_H-M   'I 4'
#
loop_
_entity.id
_entity.type
_entity.pdbx_description
1 polymer Glucokinase-1
2 non-polymer beta-D-fructofuranose
3 non-polymer 'MALONATE ION'
4 water water
#
_entity_poly.entity_id   1
_entity_poly.type   'polypeptide(L)'
_entity_poly.pdbx_seq_one_letter_code
;MSDPKLTKAVDSICDQFIVTKSKISQLTEYFIDCMEKGLEPCESDISQNKGLPMIPTFVTDKPSGQEHGVTMLAADLGGT
NFRVCSVELLGNHEFKIEQEKSKIPTFFFQDDHHVTSKDLFQHMALITHQFLTKHHKDVIQDYKWKMGFTFSYPVDQTSL
SSGKLIRWTKGFKIGDTVGQDVVQLFQQELNDIGLSNVHVVALTNDTTGTLLARCYASSDAARAINEPVIGCIFGTGTNG
CYMEKLENIHKLDPASREELLSQGKTHMCINTEWGSFDNELNHLPTTSYDIKIDQQFSTNPGFQLFEKRVSGLYLGEILR
NILLDLEKQELFDLKESVLKNNPFILTTETLSHIEIDTVENDLQDTRDALLKAADLETTFEERVLIQKLVRAISRRAAFL
AAVPIAAILIKTNALNQSYHCQVEVGCDGSVVEHYPGFRSMMRHALALSPIGPEGERDVHLRISKDGSGVGAALCALHAN
Y
;
_entity_poly.pdbx_strand_id   A,B
#
# COMPACT_ATOMS: atom_id res chain seq x y z
N SER A 2 38.81 -1.17 -15.54
CA SER A 2 39.93 -1.56 -16.38
C SER A 2 40.17 -0.56 -17.50
N ASP A 3 39.42 0.55 -17.49
CA ASP A 3 39.62 1.63 -18.44
C ASP A 3 39.18 2.92 -17.74
N PRO A 4 40.13 3.67 -17.16
CA PRO A 4 39.74 4.93 -16.48
C PRO A 4 39.07 5.94 -17.39
N LYS A 5 39.36 5.94 -18.69
CA LYS A 5 38.66 6.86 -19.60
C LYS A 5 37.18 6.53 -19.68
N LEU A 6 36.84 5.27 -20.00
CA LEU A 6 35.44 4.90 -20.10
C LEU A 6 34.72 5.07 -18.77
N THR A 7 35.39 4.77 -17.67
CA THR A 7 34.76 4.90 -16.35
C THR A 7 34.33 6.34 -16.10
N LYS A 8 35.24 7.30 -16.36
CA LYS A 8 34.92 8.70 -16.13
C LYS A 8 34.03 9.29 -17.21
N ALA A 9 34.01 8.70 -18.41
CA ALA A 9 33.08 9.14 -19.44
C ALA A 9 31.64 8.79 -19.09
N VAL A 10 31.45 7.63 -18.46
CA VAL A 10 30.10 7.23 -18.06
C VAL A 10 29.63 8.06 -16.88
N ASP A 11 30.49 8.23 -15.87
CA ASP A 11 30.12 9.06 -14.72
C ASP A 11 29.71 10.46 -15.15
N SER A 12 30.24 10.95 -16.28
CA SER A 12 29.86 12.27 -16.76
C SER A 12 28.50 12.24 -17.46
N ILE A 13 28.22 11.18 -18.22
CA ILE A 13 26.91 11.05 -18.85
C ILE A 13 25.82 10.91 -17.80
N CYS A 14 26.12 10.24 -16.68
CA CYS A 14 25.13 10.09 -15.62
C CYS A 14 24.76 11.44 -15.01
N ASP A 15 25.75 12.27 -14.72
CA ASP A 15 25.49 13.56 -14.10
C ASP A 15 24.60 14.44 -14.96
N GLN A 16 24.57 14.22 -16.27
CA GLN A 16 23.70 15.00 -17.13
C GLN A 16 22.22 14.72 -16.83
N PHE A 17 21.91 13.51 -16.37
CA PHE A 17 20.53 13.10 -16.13
C PHE A 17 20.03 13.50 -14.74
N ILE A 18 20.88 14.07 -13.89
CA ILE A 18 20.47 14.41 -12.53
C ILE A 18 19.43 15.52 -12.56
N VAL A 19 18.39 15.38 -11.75
CA VAL A 19 17.36 16.39 -11.57
C VAL A 19 17.45 16.91 -10.15
N THR A 20 17.61 18.23 -10.02
CA THR A 20 17.78 18.87 -8.72
C THR A 20 16.43 19.27 -8.15
N LYS A 21 16.42 19.60 -6.86
CA LYS A 21 15.19 20.10 -6.25
C LYS A 21 14.74 21.39 -6.92
N SER A 22 15.69 22.27 -7.27
CA SER A 22 15.33 23.52 -7.92
C SER A 22 14.74 23.27 -9.29
N LYS A 23 15.23 22.25 -10.00
CA LYS A 23 14.65 21.91 -11.30
C LYS A 23 13.24 21.37 -11.12
N ILE A 24 13.03 20.53 -10.10
CA ILE A 24 11.69 20.03 -9.80
C ILE A 24 10.75 21.19 -9.51
N SER A 25 11.20 22.15 -8.68
CA SER A 25 10.38 23.30 -8.36
C SER A 25 10.10 24.14 -9.60
N GLN A 26 11.12 24.39 -10.42
CA GLN A 26 10.93 25.16 -11.64
C GLN A 26 9.90 24.50 -12.54
N LEU A 27 10.09 23.22 -12.85
CA LEU A 27 9.18 22.53 -13.75
C LEU A 27 7.79 22.41 -13.16
N THR A 28 7.69 22.32 -11.83
CA THR A 28 6.37 22.30 -11.19
C THR A 28 5.65 23.62 -11.42
N GLU A 29 6.33 24.74 -11.19
CA GLU A 29 5.71 26.05 -11.39
C GLU A 29 5.45 26.30 -12.87
N TYR A 30 6.38 25.91 -13.74
CA TYR A 30 6.17 26.08 -15.18
C TYR A 30 5.01 25.23 -15.66
N PHE A 31 4.89 23.99 -15.16
CA PHE A 31 3.78 23.15 -15.55
C PHE A 31 2.45 23.80 -15.21
N ILE A 32 2.36 24.41 -14.02
CA ILE A 32 1.12 25.09 -13.63
C ILE A 32 0.85 26.25 -14.58
N ASP A 33 1.90 27.00 -14.94
CA ASP A 33 1.73 28.07 -15.91
C ASP A 33 1.25 27.53 -17.25
N CYS A 34 1.80 26.39 -17.69
CA CYS A 34 1.34 25.80 -18.95
C CYS A 34 -0.07 25.25 -18.83
N MET A 35 -0.47 24.80 -17.64
CA MET A 35 -1.85 24.38 -17.44
C MET A 35 -2.80 25.55 -17.66
N GLU A 36 -2.46 26.72 -17.10
CA GLU A 36 -3.31 27.89 -17.23
C GLU A 36 -3.41 28.32 -18.69
N LYS A 37 -2.30 28.27 -19.43
CA LYS A 37 -2.34 28.61 -20.85
C LYS A 37 -3.28 27.67 -21.61
N GLY A 38 -3.13 26.36 -21.38
CA GLY A 38 -3.93 25.38 -22.10
C GLY A 38 -5.42 25.45 -21.78
N LEU A 39 -5.79 26.00 -20.63
CA LEU A 39 -7.19 26.11 -20.24
C LEU A 39 -7.89 27.30 -20.86
N GLU A 40 -7.16 28.20 -21.50
CA GLU A 40 -7.69 29.36 -22.19
C GLU A 40 -8.07 29.00 -23.62
N PRO A 41 -8.92 29.80 -24.26
CA PRO A 41 -9.30 29.52 -25.65
C PRO A 41 -8.06 29.38 -26.54
N CYS A 42 -8.18 28.52 -27.54
CA CYS A 42 -7.05 28.16 -28.40
C CYS A 42 -6.90 29.14 -29.54
N GLU A 43 -5.64 29.34 -29.94
CA GLU A 43 -5.26 30.37 -30.89
C GLU A 43 -5.22 29.88 -32.34
N SER A 44 -5.01 28.58 -32.56
CA SER A 44 -4.77 28.06 -33.90
C SER A 44 -5.21 26.60 -33.93
N ASP A 45 -4.80 25.90 -34.99
CA ASP A 45 -5.14 24.49 -35.13
C ASP A 45 -4.64 23.70 -33.93
N ILE A 46 -5.48 22.78 -33.46
CA ILE A 46 -5.15 22.01 -32.26
C ILE A 46 -3.97 21.07 -32.54
N SER A 47 -3.82 20.62 -33.79
CA SER A 47 -2.70 19.74 -34.13
C SER A 47 -1.38 20.50 -34.23
N GLN A 48 -1.42 21.84 -34.23
CA GLN A 48 -0.21 22.66 -34.25
C GLN A 48 0.18 23.14 -32.87
N ASN A 49 -0.76 23.19 -31.93
CA ASN A 49 -0.47 23.67 -30.58
C ASN A 49 0.66 22.85 -29.96
N LYS A 50 1.73 23.53 -29.55
CA LYS A 50 2.87 22.89 -28.92
C LYS A 50 2.80 22.93 -27.40
N GLY A 51 1.76 23.53 -26.84
CA GLY A 51 1.63 23.67 -25.40
C GLY A 51 0.78 22.57 -24.81
N LEU A 52 0.62 22.64 -23.49
CA LEU A 52 -0.16 21.64 -22.77
C LEU A 52 -1.58 21.60 -23.33
N PRO A 53 -1.97 20.52 -24.02
CA PRO A 53 -3.28 20.52 -24.68
C PRO A 53 -4.44 20.82 -23.74
N MET A 54 -4.47 20.20 -22.56
CA MET A 54 -5.53 20.43 -21.58
C MET A 54 -6.92 20.23 -22.22
N ILE A 55 -7.17 18.98 -22.57
CA ILE A 55 -8.36 18.61 -23.34
C ILE A 55 -9.51 18.34 -22.38
N PRO A 56 -10.62 19.08 -22.47
CA PRO A 56 -11.81 18.68 -21.70
C PRO A 56 -12.37 17.36 -22.19
N THR A 57 -12.72 16.50 -21.24
CA THR A 57 -13.22 15.16 -21.54
C THR A 57 -14.74 15.07 -21.47
N PHE A 58 -15.41 16.11 -20.95
CA PHE A 58 -16.87 16.12 -20.82
C PHE A 58 -17.37 15.05 -19.86
N VAL A 59 -16.54 14.70 -18.88
CA VAL A 59 -16.95 13.83 -17.77
C VAL A 59 -16.93 14.70 -16.51
N THR A 60 -18.11 14.91 -15.93
CA THR A 60 -18.28 15.86 -14.83
C THR A 60 -18.73 15.22 -13.53
N ASP A 61 -18.91 13.90 -13.48
CA ASP A 61 -19.45 13.22 -12.31
C ASP A 61 -18.52 12.09 -11.92
N LYS A 62 -18.00 12.15 -10.70
CA LYS A 62 -17.14 11.08 -10.21
C LYS A 62 -18.00 9.91 -9.72
N PRO A 63 -17.74 8.68 -10.16
CA PRO A 63 -18.55 7.55 -9.71
C PRO A 63 -18.63 7.47 -8.19
N SER A 64 -19.74 6.90 -7.71
CA SER A 64 -19.97 6.74 -6.29
C SER A 64 -19.56 5.37 -5.76
N GLY A 65 -19.74 4.32 -6.57
CA GLY A 65 -19.52 2.96 -6.14
C GLY A 65 -20.79 2.14 -6.04
N GLN A 66 -21.96 2.78 -6.07
CA GLN A 66 -23.23 2.09 -6.01
C GLN A 66 -23.88 1.91 -7.39
N GLU A 67 -23.25 2.42 -8.44
CA GLU A 67 -23.78 2.23 -9.79
C GLU A 67 -23.88 0.73 -10.09
N HIS A 68 -24.96 0.37 -10.79
CA HIS A 68 -25.19 -1.03 -11.14
C HIS A 68 -25.98 -1.10 -12.42
N GLY A 69 -25.86 -2.23 -13.11
CA GLY A 69 -26.56 -2.42 -14.36
C GLY A 69 -26.22 -3.78 -14.96
N VAL A 70 -26.66 -3.97 -16.19
CA VAL A 70 -26.41 -5.22 -16.91
C VAL A 70 -25.02 -5.17 -17.52
N THR A 71 -24.53 -6.32 -17.98
CA THR A 71 -23.17 -6.42 -18.47
C THR A 71 -22.93 -5.45 -19.62
N MET A 72 -21.99 -4.55 -19.44
CA MET A 72 -21.55 -3.62 -20.47
C MET A 72 -20.32 -4.17 -21.18
N LEU A 73 -20.07 -3.66 -22.38
CA LEU A 73 -18.88 -4.00 -23.14
C LEU A 73 -17.90 -2.84 -23.12
N ALA A 74 -16.62 -3.15 -23.35
CA ALA A 74 -15.57 -2.15 -23.34
C ALA A 74 -14.48 -2.55 -24.32
N ALA A 75 -13.78 -1.56 -24.85
CA ALA A 75 -12.68 -1.79 -25.78
C ALA A 75 -11.61 -0.75 -25.52
N ASP A 76 -10.37 -1.20 -25.38
CA ASP A 76 -9.25 -0.35 -25.00
C ASP A 76 -8.10 -0.56 -25.97
N LEU A 77 -7.82 0.46 -26.79
CA LEU A 77 -6.67 0.45 -27.68
C LEU A 77 -5.57 1.28 -27.04
N GLY A 78 -4.44 0.63 -26.75
CA GLY A 78 -3.31 1.33 -26.18
C GLY A 78 -2.17 1.47 -27.18
N GLY A 79 -0.94 1.54 -26.70
CA GLY A 79 0.20 1.62 -27.57
C GLY A 79 0.85 0.30 -27.90
N THR A 80 0.36 -0.80 -27.32
CA THR A 80 0.99 -2.10 -27.50
C THR A 80 -0.05 -3.20 -27.67
N ASN A 81 -1.15 -3.14 -26.93
CA ASN A 81 -2.15 -4.18 -26.94
C ASN A 81 -3.54 -3.58 -27.09
N PHE A 82 -4.46 -4.43 -27.57
CA PHE A 82 -5.88 -4.11 -27.65
C PHE A 82 -6.64 -5.19 -26.89
N ARG A 83 -7.56 -4.77 -26.02
CA ARG A 83 -8.30 -5.70 -25.19
C ARG A 83 -9.78 -5.35 -25.20
N VAL A 84 -10.61 -6.38 -25.10
CA VAL A 84 -12.06 -6.26 -25.03
C VAL A 84 -12.54 -7.03 -23.81
N CYS A 85 -13.52 -6.48 -23.10
CA CYS A 85 -14.00 -7.12 -21.89
C CYS A 85 -15.47 -6.80 -21.69
N SER A 86 -16.12 -7.60 -20.84
CA SER A 86 -17.52 -7.42 -20.48
C SER A 86 -17.59 -7.25 -18.97
N VAL A 87 -18.06 -6.08 -18.53
CA VAL A 87 -18.07 -5.70 -17.12
C VAL A 87 -19.51 -5.60 -16.66
N GLU A 88 -19.84 -6.33 -15.60
CA GLU A 88 -21.13 -6.23 -14.95
C GLU A 88 -20.95 -5.44 -13.65
N LEU A 89 -21.44 -4.21 -13.64
CA LEU A 89 -21.35 -3.36 -12.46
C LEU A 89 -22.46 -3.76 -11.48
N LEU A 90 -22.06 -4.21 -10.30
CA LEU A 90 -23.00 -4.74 -9.32
C LEU A 90 -23.38 -3.74 -8.24
N GLY A 91 -22.61 -2.67 -8.07
CA GLY A 91 -22.83 -1.75 -6.98
C GLY A 91 -22.10 -2.19 -5.73
N ASN A 92 -22.06 -1.29 -4.75
CA ASN A 92 -21.36 -1.53 -3.49
C ASN A 92 -19.88 -1.83 -3.75
N HIS A 93 -19.29 -1.09 -4.70
CA HIS A 93 -17.87 -1.19 -5.01
C HIS A 93 -17.47 -2.61 -5.37
N GLU A 94 -18.25 -3.23 -6.27
CA GLU A 94 -18.00 -4.59 -6.70
C GLU A 94 -18.43 -4.74 -8.15
N PHE A 95 -17.79 -5.69 -8.85
CA PHE A 95 -18.11 -5.91 -10.25
C PHE A 95 -17.52 -7.23 -10.69
N LYS A 96 -18.11 -7.81 -11.74
CA LYS A 96 -17.58 -8.99 -12.41
C LYS A 96 -17.09 -8.59 -13.79
N ILE A 97 -15.94 -9.13 -14.19
CA ILE A 97 -15.30 -8.76 -15.45
C ILE A 97 -14.78 -10.01 -16.14
N GLU A 98 -15.06 -10.11 -17.45
CA GLU A 98 -14.48 -11.13 -18.31
C GLU A 98 -13.77 -10.41 -19.45
N GLN A 99 -12.47 -10.67 -19.61
CA GLN A 99 -11.65 -9.89 -20.53
C GLN A 99 -10.76 -10.80 -21.34
N GLU A 100 -10.48 -10.37 -22.57
CA GLU A 100 -9.53 -11.02 -23.46
C GLU A 100 -8.55 -9.98 -23.96
N LYS A 101 -7.26 -10.30 -23.90
CA LYS A 101 -6.19 -9.37 -24.25
C LYS A 101 -5.45 -9.88 -25.47
N SER A 102 -5.06 -8.96 -26.35
CA SER A 102 -4.40 -9.32 -27.59
C SER A 102 -3.40 -8.23 -27.96
N LYS A 103 -2.25 -8.65 -28.47
CA LYS A 103 -1.23 -7.70 -28.91
C LYS A 103 -1.65 -7.08 -30.24
N ILE A 104 -1.39 -5.79 -30.40
CA ILE A 104 -1.65 -5.10 -31.65
C ILE A 104 -0.73 -5.71 -32.70
N PRO A 105 -1.25 -6.31 -33.77
CA PRO A 105 -0.38 -6.97 -34.75
C PRO A 105 0.72 -6.04 -35.25
N THR A 106 1.88 -6.63 -35.53
CA THR A 106 3.02 -5.86 -35.99
C THR A 106 2.76 -5.16 -37.32
N PHE A 107 1.83 -5.66 -38.13
CA PHE A 107 1.54 -5.05 -39.41
C PHE A 107 1.20 -3.57 -39.29
N PHE A 108 0.62 -3.15 -38.15
CA PHE A 108 0.22 -1.76 -37.99
C PHE A 108 1.38 -0.86 -37.59
N PHE A 109 2.50 -1.43 -37.18
CA PHE A 109 3.70 -0.70 -36.79
C PHE A 109 4.81 -0.88 -37.83
N GLN A 110 4.43 -0.82 -39.11
CA GLN A 110 5.36 -0.98 -40.21
C GLN A 110 4.94 -0.06 -41.34
N ASP A 111 5.93 0.55 -41.99
CA ASP A 111 5.68 1.43 -43.13
C ASP A 111 5.90 0.74 -44.46
N ASP A 112 6.32 -0.54 -44.44
CA ASP A 112 6.46 -1.28 -45.70
C ASP A 112 5.16 -1.22 -46.48
N HIS A 113 4.03 -1.42 -45.82
CA HIS A 113 2.73 -1.43 -46.42
C HIS A 113 1.96 -0.17 -46.04
N HIS A 114 0.96 0.18 -46.86
CA HIS A 114 0.09 1.30 -46.56
C HIS A 114 -1.00 0.83 -45.60
N VAL A 115 -0.95 1.31 -44.37
CA VAL A 115 -1.94 0.97 -43.35
C VAL A 115 -2.98 2.08 -43.29
N THR A 116 -4.23 1.69 -43.06
CA THR A 116 -5.35 2.61 -43.07
C THR A 116 -6.21 2.39 -41.83
N SER A 117 -7.11 3.34 -41.57
CA SER A 117 -8.01 3.22 -40.44
C SER A 117 -8.88 1.98 -40.56
N LYS A 118 -9.32 1.66 -41.78
CA LYS A 118 -10.16 0.48 -41.98
C LYS A 118 -9.42 -0.79 -41.57
N ASP A 119 -8.12 -0.88 -41.89
CA ASP A 119 -7.34 -2.03 -41.50
C ASP A 119 -7.34 -2.21 -39.98
N LEU A 120 -7.22 -1.11 -39.24
CA LEU A 120 -7.12 -1.18 -37.79
C LEU A 120 -8.48 -1.48 -37.14
N PHE A 121 -9.49 -0.66 -37.44
CA PHE A 121 -10.77 -0.83 -36.78
C PHE A 121 -11.47 -2.11 -37.24
N GLN A 122 -11.18 -2.58 -38.45
CA GLN A 122 -11.68 -3.88 -38.87
C GLN A 122 -11.11 -4.98 -37.98
N HIS A 123 -9.81 -4.92 -37.70
CA HIS A 123 -9.21 -5.90 -36.80
C HIS A 123 -9.77 -5.77 -35.38
N MET A 124 -10.00 -4.54 -34.93
CA MET A 124 -10.59 -4.35 -33.61
C MET A 124 -12.00 -4.93 -33.56
N ALA A 125 -12.80 -4.65 -34.59
CA ALA A 125 -14.16 -5.20 -34.63
C ALA A 125 -14.14 -6.72 -34.70
N LEU A 126 -13.10 -7.30 -35.33
CA LEU A 126 -13.01 -8.75 -35.39
C LEU A 126 -12.70 -9.35 -34.02
N ILE A 127 -11.77 -8.74 -33.28
CA ILE A 127 -11.49 -9.19 -31.92
C ILE A 127 -12.74 -9.06 -31.07
N THR A 128 -13.50 -7.99 -31.26
CA THR A 128 -14.76 -7.82 -30.55
C THR A 128 -15.70 -9.00 -30.81
N HIS A 129 -15.82 -9.41 -32.08
CA HIS A 129 -16.67 -10.55 -32.41
C HIS A 129 -16.17 -11.82 -31.72
N GLN A 130 -14.85 -12.02 -31.71
CA GLN A 130 -14.30 -13.22 -31.07
C GLN A 130 -14.61 -13.24 -29.58
N PHE A 131 -14.57 -12.08 -28.93
CA PHE A 131 -14.85 -12.03 -27.50
C PHE A 131 -16.31 -12.35 -27.21
N LEU A 132 -17.23 -11.79 -28.01
CA LEU A 132 -18.65 -12.06 -27.82
C LEU A 132 -18.99 -13.52 -28.15
N THR A 133 -18.16 -14.20 -28.93
CA THR A 133 -18.41 -15.60 -29.25
C THR A 133 -17.86 -16.53 -28.18
N LYS A 134 -16.84 -16.11 -27.44
CA LYS A 134 -16.22 -16.95 -26.43
C LYS A 134 -16.87 -16.79 -25.05
N HIS A 135 -17.41 -15.60 -24.74
CA HIS A 135 -17.94 -15.32 -23.43
C HIS A 135 -19.45 -15.11 -23.40
N HIS A 136 -20.07 -14.83 -24.54
CA HIS A 136 -21.51 -14.59 -24.61
C HIS A 136 -22.06 -15.19 -25.90
N LYS A 137 -21.67 -16.44 -26.17
CA LYS A 137 -22.01 -17.07 -27.45
C LYS A 137 -23.51 -17.17 -27.67
N ASP A 138 -24.31 -17.17 -26.60
CA ASP A 138 -25.75 -17.40 -26.73
C ASP A 138 -26.48 -16.19 -27.30
N VAL A 139 -25.90 -15.00 -27.20
CA VAL A 139 -26.63 -13.76 -27.50
C VAL A 139 -25.71 -12.74 -28.18
N ILE A 140 -24.84 -13.20 -29.08
CA ILE A 140 -23.90 -12.30 -29.74
C ILE A 140 -24.63 -11.32 -30.65
N GLN A 141 -25.56 -11.83 -31.47
CA GLN A 141 -26.24 -11.02 -32.48
C GLN A 141 -27.63 -10.56 -32.05
N ASP A 142 -27.98 -10.69 -30.78
CA ASP A 142 -29.30 -10.33 -30.29
C ASP A 142 -29.31 -9.08 -29.42
N TYR A 143 -28.49 -9.05 -28.38
CA TYR A 143 -28.51 -7.94 -27.43
C TYR A 143 -28.22 -6.60 -28.09
N LYS A 144 -28.66 -5.54 -27.43
CA LYS A 144 -28.28 -4.18 -27.78
C LYS A 144 -27.12 -3.74 -26.89
N TRP A 145 -25.98 -4.37 -27.12
CA TRP A 145 -24.81 -4.09 -26.29
C TRP A 145 -24.47 -2.61 -26.33
N LYS A 146 -24.12 -2.06 -25.17
CA LYS A 146 -23.54 -0.73 -25.06
C LYS A 146 -22.07 -0.89 -24.74
N MET A 147 -21.22 -0.22 -25.52
CA MET A 147 -19.77 -0.34 -25.40
C MET A 147 -19.14 1.01 -25.14
N GLY A 148 -18.13 1.03 -24.28
CA GLY A 148 -17.30 2.20 -24.06
C GLY A 148 -15.92 1.96 -24.64
N PHE A 149 -15.45 2.94 -25.41
CA PHE A 149 -14.20 2.81 -26.17
C PHE A 149 -13.14 3.67 -25.47
N THR A 150 -12.15 3.00 -24.88
CA THR A 150 -11.00 3.68 -24.28
C THR A 150 -9.95 3.84 -25.37
N PHE A 151 -9.66 5.09 -25.73
CA PHE A 151 -8.73 5.41 -26.81
C PHE A 151 -7.54 6.15 -26.20
N SER A 152 -6.41 5.45 -26.06
CA SER A 152 -5.25 5.98 -25.37
C SER A 152 -4.44 6.92 -26.26
N TYR A 153 -5.11 7.89 -26.88
CA TYR A 153 -4.44 8.80 -27.80
C TYR A 153 -5.13 10.15 -27.74
N PRO A 154 -4.39 11.24 -27.95
CA PRO A 154 -5.02 12.57 -27.89
C PRO A 154 -6.18 12.68 -28.85
N VAL A 155 -7.32 13.13 -28.33
CA VAL A 155 -8.55 13.29 -29.10
C VAL A 155 -9.14 14.66 -28.82
N ASP A 156 -9.63 15.30 -29.87
CA ASP A 156 -10.31 16.59 -29.75
C ASP A 156 -11.76 16.35 -29.36
N GLN A 157 -11.93 15.86 -28.12
CA GLN A 157 -13.24 15.45 -27.65
C GLN A 157 -14.24 16.59 -27.72
N THR A 158 -15.38 16.34 -28.37
CA THR A 158 -16.46 17.31 -28.47
C THR A 158 -17.69 16.90 -27.67
N SER A 159 -17.76 15.65 -27.23
CA SER A 159 -18.82 15.17 -26.35
C SER A 159 -18.37 13.84 -25.77
N LEU A 160 -19.24 13.21 -24.99
CA LEU A 160 -18.90 11.91 -24.42
C LEU A 160 -18.82 10.82 -25.49
N SER A 161 -19.49 11.02 -26.62
CA SER A 161 -19.55 10.01 -27.68
C SER A 161 -18.86 10.45 -28.96
N SER A 162 -18.28 11.64 -29.00
CA SER A 162 -17.68 12.18 -30.22
C SER A 162 -16.30 12.73 -29.92
N GLY A 163 -15.44 12.73 -30.95
CA GLY A 163 -14.10 13.25 -30.82
C GLY A 163 -13.17 12.75 -31.91
N LYS A 164 -12.42 13.65 -32.52
CA LYS A 164 -11.50 13.33 -33.60
C LYS A 164 -10.08 13.21 -33.07
N LEU A 165 -9.35 12.24 -33.60
CA LEU A 165 -7.94 12.09 -33.24
C LEU A 165 -7.19 13.36 -33.62
N ILE A 166 -6.35 13.84 -32.71
CA ILE A 166 -5.51 15.00 -33.00
C ILE A 166 -4.19 14.57 -33.65
N ARG A 167 -3.56 13.52 -33.12
CA ARG A 167 -2.31 13.03 -33.68
C ARG A 167 -2.09 11.64 -33.11
N TRP A 168 -1.42 10.79 -33.88
CA TRP A 168 -0.99 9.52 -33.33
C TRP A 168 0.26 9.68 -32.49
N THR A 169 0.45 8.73 -31.59
CA THR A 169 1.56 8.73 -30.64
C THR A 169 1.90 7.29 -30.34
N LYS A 170 3.02 7.10 -29.64
CA LYS A 170 3.49 5.78 -29.27
C LYS A 170 3.52 4.84 -30.48
N GLY A 171 4.49 5.08 -31.36
CA GLY A 171 4.78 4.11 -32.38
C GLY A 171 3.68 3.88 -33.40
N PHE A 172 2.54 4.56 -33.28
CA PHE A 172 1.43 4.39 -34.20
C PHE A 172 1.48 5.50 -35.25
N LYS A 173 1.42 5.12 -36.52
CA LYS A 173 1.44 6.11 -37.59
C LYS A 173 0.47 5.62 -38.65
N ILE A 174 -0.74 6.19 -38.66
CA ILE A 174 -1.75 5.87 -39.66
C ILE A 174 -2.44 7.18 -40.09
N GLY A 175 -1.85 7.88 -41.04
CA GLY A 175 -2.34 9.18 -41.44
C GLY A 175 -3.83 9.22 -41.78
N ASP A 176 -4.40 8.07 -42.12
CA ASP A 176 -5.82 8.05 -42.48
C ASP A 176 -6.71 8.44 -41.31
N THR A 177 -6.32 8.08 -40.08
CA THR A 177 -7.18 8.29 -38.92
C THR A 177 -7.19 9.74 -38.45
N VAL A 178 -6.10 10.48 -38.69
CA VAL A 178 -5.98 11.83 -38.15
C VAL A 178 -7.16 12.67 -38.62
N GLY A 179 -7.91 13.21 -37.66
CA GLY A 179 -9.05 14.05 -37.97
C GLY A 179 -10.35 13.31 -38.12
N GLN A 180 -10.43 12.07 -37.66
CA GLN A 180 -11.62 11.22 -37.83
C GLN A 180 -12.22 10.90 -36.49
N ASP A 181 -13.54 11.04 -36.37
CA ASP A 181 -14.25 10.61 -35.18
C ASP A 181 -14.03 9.12 -35.00
N VAL A 182 -13.15 8.75 -34.06
CA VAL A 182 -12.76 7.36 -33.92
C VAL A 182 -13.93 6.48 -33.52
N VAL A 183 -14.95 7.05 -32.88
CA VAL A 183 -16.13 6.27 -32.54
C VAL A 183 -16.84 5.80 -33.80
N GLN A 184 -17.03 6.71 -34.76
CA GLN A 184 -17.65 6.33 -36.03
C GLN A 184 -16.83 5.26 -36.74
N LEU A 185 -15.52 5.48 -36.89
CA LEU A 185 -14.67 4.49 -37.54
C LEU A 185 -14.86 3.12 -36.93
N PHE A 186 -14.84 3.03 -35.60
CA PHE A 186 -15.02 1.74 -34.95
C PHE A 186 -16.43 1.21 -35.21
N GLN A 187 -17.44 2.07 -35.15
CA GLN A 187 -18.81 1.64 -35.37
C GLN A 187 -19.01 1.12 -36.79
N GLN A 188 -18.44 1.82 -37.78
CA GLN A 188 -18.62 1.41 -39.16
C GLN A 188 -18.08 -0.01 -39.39
N GLU A 189 -16.91 -0.30 -38.83
CA GLU A 189 -16.33 -1.64 -38.99
C GLU A 189 -17.10 -2.68 -38.19
N LEU A 190 -17.68 -2.28 -37.05
CA LEU A 190 -18.54 -3.18 -36.30
C LEU A 190 -19.81 -3.51 -37.09
N ASN A 191 -20.35 -2.52 -37.80
CA ASN A 191 -21.56 -2.75 -38.58
C ASN A 191 -21.29 -3.63 -39.80
N ASP A 192 -20.09 -3.54 -40.38
CA ASP A 192 -19.80 -4.29 -41.59
C ASP A 192 -19.61 -5.77 -41.33
N ILE A 193 -19.38 -6.19 -40.09
CA ILE A 193 -19.20 -7.59 -39.75
C ILE A 193 -20.42 -8.17 -39.03
N GLY A 194 -21.53 -7.44 -39.01
CA GLY A 194 -22.76 -7.91 -38.41
C GLY A 194 -23.03 -7.38 -37.01
N LEU A 195 -22.02 -6.82 -36.35
CA LEU A 195 -22.17 -6.31 -34.99
C LEU A 195 -22.69 -4.88 -34.96
N SER A 196 -23.59 -4.52 -35.88
CA SER A 196 -24.25 -3.23 -35.79
C SER A 196 -25.14 -3.12 -34.56
N ASN A 197 -25.46 -4.25 -33.92
CA ASN A 197 -26.17 -4.26 -32.65
C ASN A 197 -25.28 -3.89 -31.46
N VAL A 198 -24.01 -3.61 -31.70
CA VAL A 198 -23.09 -3.14 -30.67
C VAL A 198 -22.82 -1.67 -30.96
N HIS A 199 -23.27 -0.79 -30.07
CA HIS A 199 -23.16 0.65 -30.26
C HIS A 199 -22.12 1.22 -29.31
N VAL A 200 -21.09 1.86 -29.88
CA VAL A 200 -20.06 2.54 -29.10
C VAL A 200 -20.65 3.85 -28.59
N VAL A 201 -20.86 3.94 -27.29
CA VAL A 201 -21.59 5.06 -26.70
C VAL A 201 -20.70 6.03 -25.95
N ALA A 202 -19.42 5.71 -25.72
CA ALA A 202 -18.55 6.58 -24.95
C ALA A 202 -17.13 6.47 -25.48
N LEU A 203 -16.41 7.58 -25.40
CA LEU A 203 -15.00 7.65 -25.77
C LEU A 203 -14.24 8.29 -24.62
N THR A 204 -13.26 7.57 -24.07
CA THR A 204 -12.48 8.04 -22.95
C THR A 204 -11.00 7.82 -23.21
N ASN A 205 -10.18 8.69 -22.64
CA ASN A 205 -8.74 8.45 -22.58
C ASN A 205 -8.46 7.46 -21.47
N ASP A 206 -7.34 6.73 -21.59
CA ASP A 206 -7.01 5.75 -20.56
C ASP A 206 -6.71 6.40 -19.22
N THR A 207 -6.39 7.70 -19.20
CA THR A 207 -6.27 8.41 -17.93
C THR A 207 -7.65 8.60 -17.30
N THR A 208 -8.58 9.19 -18.04
CA THR A 208 -9.93 9.40 -17.53
C THR A 208 -10.54 8.08 -17.03
N GLY A 209 -10.36 7.01 -17.79
CA GLY A 209 -10.92 5.73 -17.38
C GLY A 209 -10.33 5.23 -16.08
N THR A 210 -9.02 5.42 -15.89
CA THR A 210 -8.37 4.94 -14.68
C THR A 210 -8.93 5.63 -13.43
N LEU A 211 -9.20 6.94 -13.51
CA LEU A 211 -9.76 7.65 -12.37
C LEU A 211 -11.16 7.14 -12.04
N LEU A 212 -12.01 7.02 -13.05
CA LEU A 212 -13.38 6.56 -12.83
C LEU A 212 -13.40 5.19 -12.17
N ALA A 213 -12.55 4.28 -12.65
CA ALA A 213 -12.54 2.92 -12.10
C ALA A 213 -12.26 2.92 -10.61
N ARG A 214 -11.30 3.75 -10.16
CA ARG A 214 -10.95 3.78 -8.74
C ARG A 214 -12.04 4.44 -7.91
N CYS A 215 -12.64 5.51 -8.42
CA CYS A 215 -13.73 6.16 -7.69
C CYS A 215 -14.86 5.18 -7.41
N TYR A 216 -15.01 4.15 -8.23
CA TYR A 216 -16.07 3.16 -8.07
C TYR A 216 -15.66 2.04 -7.11
N ALA A 217 -14.45 1.50 -7.29
CA ALA A 217 -14.04 0.33 -6.53
C ALA A 217 -13.50 0.67 -5.15
N SER A 218 -13.09 1.91 -4.93
CA SER A 218 -12.53 2.29 -3.63
C SER A 218 -13.60 2.11 -2.55
N SER A 219 -13.34 1.20 -1.62
CA SER A 219 -14.26 0.96 -0.53
C SER A 219 -14.66 2.26 0.14
N ASP A 220 -15.90 2.32 0.64
CA ASP A 220 -16.38 3.52 1.31
C ASP A 220 -15.41 3.95 2.40
N ALA A 221 -14.87 3.00 3.16
CA ALA A 221 -13.89 3.33 4.19
C ALA A 221 -12.63 3.92 3.57
N ALA A 222 -12.07 3.23 2.57
CA ALA A 222 -10.84 3.72 1.94
C ALA A 222 -11.05 5.08 1.29
N ARG A 223 -12.16 5.26 0.58
CA ARG A 223 -12.40 6.51 -0.14
C ARG A 223 -12.53 7.70 0.82
N ALA A 224 -13.08 7.48 2.02
CA ALA A 224 -13.24 8.57 2.95
C ALA A 224 -11.90 9.22 3.31
N ILE A 225 -10.88 8.39 3.53
CA ILE A 225 -9.55 8.89 3.83
C ILE A 225 -8.89 9.36 2.54
N ASN A 226 -8.55 8.41 1.68
CA ASN A 226 -7.84 8.72 0.43
C ASN A 226 -8.87 8.88 -0.69
N GLU A 227 -9.13 10.13 -1.06
CA GLU A 227 -10.03 10.41 -2.17
C GLU A 227 -9.27 10.33 -3.48
N PRO A 228 -9.72 9.55 -4.46
CA PRO A 228 -9.06 9.58 -5.78
C PRO A 228 -9.22 10.94 -6.43
N VAL A 229 -8.09 11.52 -6.84
CA VAL A 229 -8.07 12.89 -7.37
C VAL A 229 -7.47 12.93 -8.77
N ILE A 230 -6.55 12.01 -9.07
CA ILE A 230 -5.86 11.98 -10.35
C ILE A 230 -5.91 10.57 -10.93
N GLY A 231 -6.15 10.48 -12.24
CA GLY A 231 -6.01 9.24 -12.98
C GLY A 231 -4.78 9.29 -13.85
N CYS A 232 -3.82 8.40 -13.59
CA CYS A 232 -2.49 8.50 -14.18
C CYS A 232 -2.13 7.24 -14.95
N ILE A 233 -1.22 7.40 -15.91
CA ILE A 233 -0.70 6.29 -16.71
C ILE A 233 0.82 6.43 -16.79
N PHE A 234 1.53 5.32 -16.60
CA PHE A 234 2.98 5.26 -16.77
C PHE A 234 3.36 3.92 -17.42
N GLY A 235 3.08 3.82 -18.72
CA GLY A 235 3.39 2.62 -19.47
C GLY A 235 4.11 2.94 -20.77
N THR A 236 3.56 2.47 -21.90
CA THR A 236 4.17 2.79 -23.18
C THR A 236 4.27 4.30 -23.36
N GLY A 237 3.25 5.03 -22.91
CA GLY A 237 3.33 6.48 -22.85
C GLY A 237 3.05 6.96 -21.45
N THR A 238 2.96 8.27 -21.26
CA THR A 238 2.62 8.85 -19.97
C THR A 238 1.61 9.97 -20.15
N ASN A 239 0.65 10.04 -19.24
CA ASN A 239 -0.41 11.03 -19.29
C ASN A 239 -1.20 10.93 -18.01
N GLY A 240 -1.99 11.97 -17.73
CA GLY A 240 -2.83 11.98 -16.56
C GLY A 240 -3.95 13.00 -16.68
N CYS A 241 -5.01 12.76 -15.92
CA CYS A 241 -6.18 13.61 -15.91
C CYS A 241 -6.44 14.13 -14.50
N TYR A 242 -7.22 15.22 -14.43
CA TYR A 242 -7.58 15.80 -13.15
C TYR A 242 -8.90 16.55 -13.32
N MET A 243 -9.61 16.71 -12.21
CA MET A 243 -10.88 17.43 -12.21
C MET A 243 -10.61 18.92 -12.05
N GLU A 244 -11.11 19.72 -12.98
CA GLU A 244 -10.92 21.16 -12.98
C GLU A 244 -12.27 21.85 -12.79
N LYS A 245 -12.26 22.93 -12.02
CA LYS A 245 -13.47 23.70 -11.81
C LYS A 245 -14.01 24.22 -13.14
N LEU A 246 -15.33 24.06 -13.35
CA LEU A 246 -15.94 24.47 -14.60
C LEU A 246 -15.66 25.94 -14.91
N GLU A 247 -15.51 26.78 -13.88
CA GLU A 247 -15.29 28.21 -14.13
C GLU A 247 -13.92 28.46 -14.74
N ASN A 248 -12.93 27.62 -14.43
CA ASN A 248 -11.58 27.81 -14.95
C ASN A 248 -11.39 27.29 -16.36
N ILE A 249 -12.25 26.38 -16.83
CA ILE A 249 -12.15 25.82 -18.16
C ILE A 249 -12.70 26.84 -19.15
N HIS A 250 -11.93 27.89 -19.42
CA HIS A 250 -12.43 28.98 -20.27
C HIS A 250 -12.57 28.56 -21.73
N LYS A 251 -11.74 27.62 -22.20
CA LYS A 251 -11.85 27.21 -23.59
C LYS A 251 -13.24 26.64 -23.89
N LEU A 252 -13.91 26.11 -22.87
CA LEU A 252 -15.28 25.67 -23.05
C LEU A 252 -16.17 26.88 -23.34
N ASP A 253 -17.13 26.68 -24.23
CA ASP A 253 -18.01 27.76 -24.63
C ASP A 253 -18.68 28.36 -23.40
N PRO A 254 -18.73 29.70 -23.28
CA PRO A 254 -19.39 30.29 -22.10
C PRO A 254 -20.78 29.74 -21.87
N ALA A 255 -21.55 29.54 -22.95
CA ALA A 255 -22.88 28.96 -22.80
C ALA A 255 -22.80 27.54 -22.25
N SER A 256 -21.86 26.74 -22.77
CA SER A 256 -21.73 25.37 -22.31
C SER A 256 -21.39 25.31 -20.82
N ARG A 257 -20.52 26.21 -20.35
CA ARG A 257 -20.22 26.28 -18.92
C ARG A 257 -21.48 26.61 -18.12
N GLU A 258 -22.11 27.74 -18.44
CA GLU A 258 -23.31 28.13 -17.72
C GLU A 258 -24.40 27.08 -17.86
N GLU A 259 -24.48 26.42 -19.01
CA GLU A 259 -25.44 25.32 -19.16
C GLU A 259 -25.10 24.17 -18.25
N LEU A 260 -23.81 23.86 -18.10
CA LEU A 260 -23.39 22.81 -17.18
C LEU A 260 -23.52 23.25 -15.74
N LEU A 261 -23.04 24.46 -15.43
CA LEU A 261 -23.08 24.96 -14.05
C LEU A 261 -24.48 24.93 -13.48
N SER A 262 -25.47 25.36 -14.27
CA SER A 262 -26.84 25.38 -13.77
C SER A 262 -27.37 23.98 -13.48
N GLN A 263 -26.86 22.97 -14.18
CA GLN A 263 -27.30 21.59 -13.98
C GLN A 263 -26.79 20.98 -12.69
N GLY A 264 -26.10 21.74 -11.84
CA GLY A 264 -25.59 21.21 -10.59
C GLY A 264 -24.20 20.62 -10.67
N LYS A 265 -23.45 20.93 -11.72
CA LYS A 265 -22.10 20.39 -11.92
C LYS A 265 -21.08 21.41 -11.45
N THR A 266 -19.89 20.90 -11.12
CA THR A 266 -18.84 21.74 -10.55
C THR A 266 -17.51 21.61 -11.26
N HIS A 267 -17.17 20.41 -11.75
CA HIS A 267 -15.87 20.19 -12.36
C HIS A 267 -16.04 19.35 -13.63
N MET A 268 -14.95 19.25 -14.38
CA MET A 268 -14.88 18.41 -15.56
C MET A 268 -13.45 17.90 -15.69
N CYS A 269 -13.31 16.62 -16.04
CA CYS A 269 -11.99 16.03 -16.18
C CYS A 269 -11.23 16.69 -17.33
N ILE A 270 -9.92 16.84 -17.15
CA ILE A 270 -9.05 17.46 -18.15
C ILE A 270 -7.96 16.45 -18.50
N ASN A 271 -7.99 15.94 -19.73
CA ASN A 271 -6.90 15.12 -20.24
C ASN A 271 -5.75 16.04 -20.59
N THR A 272 -4.79 16.16 -19.67
CA THR A 272 -3.69 17.09 -19.87
C THR A 272 -2.88 16.76 -21.12
N GLU A 273 -2.71 15.47 -21.42
CA GLU A 273 -1.77 15.03 -22.44
C GLU A 273 -0.37 15.54 -22.11
N TRP A 274 0.02 15.34 -20.84
CA TRP A 274 1.22 16.01 -20.33
C TRP A 274 2.50 15.40 -20.86
N GLY A 275 2.44 14.39 -21.73
CA GLY A 275 3.60 14.01 -22.48
C GLY A 275 4.06 15.09 -23.43
N SER A 276 3.14 15.98 -23.83
CA SER A 276 3.43 17.14 -24.66
C SER A 276 3.73 18.39 -23.85
N PHE A 277 4.21 18.22 -22.62
CA PHE A 277 4.52 19.35 -21.76
C PHE A 277 5.89 19.90 -22.11
N ASP A 278 5.96 21.21 -22.34
CA ASP A 278 7.21 21.88 -22.72
C ASP A 278 7.80 21.24 -23.98
N ASN A 279 6.96 21.13 -25.01
CA ASN A 279 7.44 20.65 -26.29
C ASN A 279 8.48 21.58 -26.91
N GLU A 280 8.49 22.84 -26.49
CA GLU A 280 9.52 23.78 -26.92
C GLU A 280 10.82 23.62 -26.16
N LEU A 281 10.88 22.67 -25.22
CA LEU A 281 12.08 22.43 -24.43
C LEU A 281 12.58 23.72 -23.79
N ASN A 282 11.64 24.51 -23.27
CA ASN A 282 12.03 25.72 -22.56
C ASN A 282 12.72 25.39 -21.24
N HIS A 283 12.39 24.25 -20.63
CA HIS A 283 12.99 23.87 -19.35
C HIS A 283 13.23 22.37 -19.19
N LEU A 284 12.64 21.50 -20.01
CA LEU A 284 12.80 20.07 -19.79
C LEU A 284 14.27 19.67 -19.96
N PRO A 285 14.81 18.85 -19.06
CA PRO A 285 16.18 18.35 -19.26
C PRO A 285 16.32 17.67 -20.61
N THR A 286 17.41 17.99 -21.31
CA THR A 286 17.64 17.48 -22.65
C THR A 286 19.12 17.12 -22.82
N THR A 287 19.38 16.01 -23.49
CA THR A 287 20.72 15.56 -23.81
C THR A 287 20.82 15.34 -25.31
N SER A 288 22.06 15.14 -25.79
CA SER A 288 22.25 14.83 -27.20
C SER A 288 21.49 13.59 -27.61
N TYR A 289 21.24 12.67 -26.66
CA TYR A 289 20.53 11.44 -26.98
C TYR A 289 19.01 11.65 -27.04
N ASP A 290 18.49 12.58 -26.24
CA ASP A 290 17.06 12.86 -26.28
C ASP A 290 16.66 13.60 -27.55
N ILE A 291 17.56 14.41 -28.10
CA ILE A 291 17.27 15.07 -29.36
C ILE A 291 17.34 14.07 -30.51
N LYS A 292 18.30 13.15 -30.44
CA LYS A 292 18.37 12.09 -31.46
C LYS A 292 17.07 11.32 -31.54
N ILE A 293 16.45 11.04 -30.39
CA ILE A 293 15.18 10.30 -30.39
C ILE A 293 14.06 11.19 -30.91
N ASP A 294 14.01 12.44 -30.45
CA ASP A 294 12.94 13.33 -30.85
C ASP A 294 12.95 13.57 -32.35
N GLN A 295 14.12 13.74 -32.94
CA GLN A 295 14.23 14.19 -34.33
C GLN A 295 14.37 13.06 -35.33
N GLN A 296 15.08 11.99 -35.01
CA GLN A 296 15.39 10.93 -35.96
C GLN A 296 14.52 9.68 -35.79
N PHE A 297 14.35 9.20 -34.56
CA PHE A 297 13.80 7.88 -34.32
C PHE A 297 12.34 7.88 -33.89
N SER A 298 11.75 9.05 -33.64
CA SER A 298 10.37 9.10 -33.16
C SER A 298 9.40 9.19 -34.34
N THR A 299 8.15 8.81 -34.08
CA THR A 299 7.08 8.92 -35.06
C THR A 299 6.45 10.31 -35.08
N ASN A 300 6.71 11.13 -34.06
CA ASN A 300 6.07 12.44 -33.92
C ASN A 300 7.12 13.45 -33.49
N PRO A 301 8.08 13.77 -34.37
CA PRO A 301 9.09 14.76 -34.01
C PRO A 301 8.47 16.09 -33.65
N GLY A 302 8.95 16.68 -32.56
CA GLY A 302 8.44 17.95 -32.08
C GLY A 302 7.28 17.86 -31.11
N PHE A 303 6.79 16.65 -30.81
CA PHE A 303 5.66 16.47 -29.91
C PHE A 303 5.95 15.38 -28.90
N GLN A 304 5.21 15.41 -27.81
CA GLN A 304 5.31 14.41 -26.74
C GLN A 304 6.76 14.28 -26.26
N LEU A 305 7.33 15.41 -25.85
CA LEU A 305 8.73 15.43 -25.45
C LEU A 305 8.92 15.04 -23.99
N PHE A 306 8.03 15.49 -23.10
CA PHE A 306 8.03 14.96 -21.74
C PHE A 306 7.90 13.45 -21.78
N GLU A 307 7.05 12.93 -22.68
CA GLU A 307 6.91 11.49 -22.83
C GLU A 307 8.23 10.84 -23.24
N LYS A 308 8.94 11.47 -24.18
CA LYS A 308 10.19 10.88 -24.69
C LYS A 308 11.29 10.83 -23.65
N ARG A 309 11.07 11.38 -22.45
CA ARG A 309 12.03 11.31 -21.37
C ARG A 309 11.52 10.52 -20.17
N VAL A 310 10.29 9.99 -20.23
CA VAL A 310 9.66 9.39 -19.06
C VAL A 310 9.09 8.01 -19.38
N SER A 311 8.37 7.91 -20.50
CA SER A 311 7.60 6.70 -20.78
C SER A 311 8.51 5.55 -21.17
N GLY A 312 7.94 4.33 -21.10
CA GLY A 312 8.72 3.12 -21.31
C GLY A 312 9.03 2.83 -22.76
N LEU A 313 8.31 3.44 -23.70
CA LEU A 313 8.63 3.26 -25.11
C LEU A 313 9.97 3.84 -25.48
N TYR A 314 10.48 4.82 -24.72
CA TYR A 314 11.65 5.58 -25.12
C TYR A 314 12.86 5.41 -24.20
N LEU A 315 12.69 4.88 -22.99
CA LEU A 315 13.82 4.80 -22.07
C LEU A 315 14.89 3.85 -22.58
N GLY A 316 14.50 2.67 -23.07
CA GLY A 316 15.48 1.73 -23.59
C GLY A 316 16.25 2.28 -24.77
N GLU A 317 15.58 3.07 -25.61
CA GLU A 317 16.26 3.69 -26.76
C GLU A 317 17.31 4.69 -26.31
N ILE A 318 17.08 5.38 -25.19
CA ILE A 318 18.07 6.33 -24.69
C ILE A 318 19.40 5.61 -24.42
N LEU A 319 19.33 4.36 -23.95
CA LEU A 319 20.55 3.62 -23.68
C LEU A 319 21.28 3.26 -24.97
N ARG A 320 20.54 2.88 -26.01
CA ARG A 320 21.17 2.52 -27.27
C ARG A 320 21.98 3.69 -27.84
N ASN A 321 21.44 4.90 -27.73
CA ASN A 321 22.16 6.07 -28.26
C ASN A 321 23.36 6.42 -27.39
N ILE A 322 23.26 6.23 -26.07
CA ILE A 322 24.40 6.47 -25.21
C ILE A 322 25.54 5.51 -25.53
N LEU A 323 25.20 4.26 -25.87
CA LEU A 323 26.22 3.27 -26.16
C LEU A 323 26.83 3.46 -27.55
N LEU A 324 25.99 3.74 -28.56
CA LEU A 324 26.52 4.01 -29.88
C LEU A 324 27.40 5.24 -29.89
N ASP A 325 27.07 6.25 -29.08
CA ASP A 325 27.92 7.43 -28.98
C ASP A 325 29.23 7.10 -28.30
N LEU A 326 29.25 6.11 -27.40
CA LEU A 326 30.49 5.71 -26.75
C LEU A 326 31.33 4.78 -27.61
N GLU A 327 30.74 4.17 -28.64
CA GLU A 327 31.56 3.46 -29.62
C GLU A 327 32.13 4.43 -30.65
N LYS A 328 31.33 5.42 -31.06
CA LYS A 328 31.84 6.45 -31.95
C LYS A 328 33.08 7.13 -31.37
N GLN A 329 33.16 7.22 -30.05
CA GLN A 329 34.32 7.77 -29.37
C GLN A 329 35.39 6.71 -29.09
N GLU A 330 35.19 5.47 -29.55
CA GLU A 330 36.15 4.39 -29.36
C GLU A 330 36.36 4.05 -27.90
N LEU A 331 35.36 4.31 -27.06
CA LEU A 331 35.44 3.99 -25.64
C LEU A 331 34.73 2.70 -25.26
N PHE A 332 33.71 2.29 -26.03
CA PHE A 332 32.94 1.10 -25.73
C PHE A 332 32.91 0.21 -26.96
N ASP A 333 33.13 -1.09 -26.76
CA ASP A 333 33.17 -2.06 -27.85
C ASP A 333 31.80 -2.72 -27.97
N LEU A 334 31.05 -2.34 -29.00
CA LEU A 334 29.78 -2.98 -29.27
C LEU A 334 29.94 -4.39 -29.85
N LYS A 335 31.16 -4.77 -30.22
CA LYS A 335 31.47 -6.14 -30.65
C LYS A 335 30.61 -6.47 -31.86
N GLU A 336 29.89 -7.60 -31.87
CA GLU A 336 29.03 -7.98 -32.98
C GLU A 336 27.56 -7.71 -32.68
N SER A 337 27.29 -6.73 -31.83
CA SER A 337 25.92 -6.40 -31.47
C SER A 337 25.10 -6.02 -32.70
N VAL A 338 23.79 -5.97 -32.52
CA VAL A 338 22.87 -5.53 -33.56
C VAL A 338 22.20 -4.21 -33.17
N LEU A 339 22.83 -3.45 -32.28
CA LEU A 339 22.26 -2.16 -31.87
C LEU A 339 22.20 -1.19 -33.05
N LYS A 340 23.31 -1.05 -33.76
CA LYS A 340 23.40 -0.06 -34.83
C LYS A 340 22.31 -0.31 -35.87
N ASN A 341 21.66 0.77 -36.28
CA ASN A 341 20.65 0.74 -37.34
C ASN A 341 19.42 -0.08 -36.96
N ASN A 342 19.16 -0.25 -35.67
CA ASN A 342 17.97 -0.95 -35.18
C ASN A 342 17.38 -0.17 -34.02
N PRO A 343 16.66 0.91 -34.31
CA PRO A 343 16.07 1.70 -33.22
C PRO A 343 15.08 0.88 -32.40
N PHE A 344 15.02 1.20 -31.10
CA PHE A 344 14.10 0.58 -30.16
C PHE A 344 14.33 -0.92 -30.00
N ILE A 345 15.49 -1.41 -30.41
CA ILE A 345 15.79 -2.83 -30.20
C ILE A 345 16.00 -3.10 -28.72
N LEU A 346 16.55 -2.13 -27.98
CA LEU A 346 16.65 -2.21 -26.53
C LEU A 346 15.38 -1.67 -25.92
N THR A 347 14.63 -2.52 -25.24
CA THR A 347 13.36 -2.15 -24.64
C THR A 347 13.56 -1.76 -23.18
N THR A 348 12.51 -1.18 -22.60
CA THR A 348 12.56 -0.85 -21.17
C THR A 348 12.51 -2.11 -20.31
N GLU A 349 11.86 -3.17 -20.80
CA GLU A 349 11.87 -4.43 -20.07
C GLU A 349 13.29 -4.97 -19.94
N THR A 350 14.13 -4.73 -20.95
CA THR A 350 15.54 -5.09 -20.83
C THR A 350 16.19 -4.32 -19.68
N LEU A 351 15.96 -3.01 -19.62
CA LEU A 351 16.53 -2.21 -18.55
C LEU A 351 15.97 -2.57 -17.18
N SER A 352 14.78 -3.18 -17.13
CA SER A 352 14.20 -3.55 -15.84
C SER A 352 14.99 -4.67 -15.18
N HIS A 353 15.52 -5.60 -15.99
CA HIS A 353 16.39 -6.65 -15.48
C HIS A 353 17.78 -6.15 -15.13
N ILE A 354 18.07 -4.86 -15.37
CA ILE A 354 19.36 -4.29 -15.04
C ILE A 354 19.29 -3.33 -13.85
N GLU A 355 18.12 -2.75 -13.56
CA GLU A 355 18.02 -1.75 -12.50
C GLU A 355 18.44 -2.34 -11.16
N ILE A 356 18.10 -3.61 -10.91
CA ILE A 356 18.28 -4.22 -9.60
C ILE A 356 19.18 -5.45 -9.66
N ASP A 357 19.81 -5.71 -10.81
CA ASP A 357 20.80 -6.77 -10.87
C ASP A 357 21.95 -6.43 -9.93
N THR A 358 22.59 -7.46 -9.38
CA THR A 358 23.59 -7.28 -8.34
C THR A 358 24.96 -7.73 -8.82
N VAL A 359 25.99 -7.12 -8.24
CA VAL A 359 27.37 -7.48 -8.58
C VAL A 359 27.73 -8.83 -7.99
N GLU A 360 27.17 -9.17 -6.82
CA GLU A 360 27.46 -10.47 -6.21
C GLU A 360 27.13 -11.62 -7.14
N ASN A 361 26.27 -11.39 -8.13
CA ASN A 361 25.98 -12.36 -9.18
C ASN A 361 26.72 -12.04 -10.48
N ASP A 362 27.77 -11.21 -10.38
CA ASP A 362 28.51 -10.76 -11.57
C ASP A 362 27.56 -10.20 -12.63
N LEU A 363 26.50 -9.55 -12.17
CA LEU A 363 25.50 -8.94 -13.04
C LEU A 363 25.11 -9.88 -14.18
N GLN A 364 24.71 -11.10 -13.82
CA GLN A 364 24.43 -12.10 -14.84
C GLN A 364 23.12 -11.81 -15.56
N ASP A 365 22.09 -11.37 -14.84
CA ASP A 365 20.84 -11.00 -15.48
C ASP A 365 21.07 -9.95 -16.57
N THR A 366 21.91 -8.95 -16.25
CA THR A 366 22.24 -7.94 -17.25
C THR A 366 22.91 -8.57 -18.47
N ARG A 367 23.88 -9.46 -18.23
CA ARG A 367 24.55 -10.14 -19.33
C ARG A 367 23.57 -10.86 -20.23
N ASP A 368 22.65 -11.63 -19.64
CA ASP A 368 21.70 -12.40 -20.44
C ASP A 368 20.69 -11.51 -21.14
N ALA A 369 20.27 -10.42 -20.47
CA ALA A 369 19.26 -9.55 -21.07
C ALA A 369 19.80 -8.80 -22.28
N LEU A 370 21.08 -8.42 -22.25
CA LEU A 370 21.66 -7.72 -23.39
C LEU A 370 21.90 -8.66 -24.57
N LEU A 371 22.22 -9.92 -24.31
CA LEU A 371 22.42 -10.88 -25.39
C LEU A 371 21.10 -11.26 -26.05
N LYS A 372 20.03 -11.35 -25.26
CA LYS A 372 18.73 -11.72 -25.80
C LYS A 372 18.14 -10.63 -26.68
N ALA A 373 18.50 -9.37 -26.43
CA ALA A 373 17.86 -8.24 -27.11
C ALA A 373 18.62 -7.78 -28.34
N ALA A 374 19.96 -7.90 -28.34
CA ALA A 374 20.73 -7.39 -29.47
C ALA A 374 22.04 -8.15 -29.70
N ASP A 375 22.15 -9.39 -29.23
CA ASP A 375 23.36 -10.20 -29.42
C ASP A 375 24.61 -9.41 -29.04
N LEU A 376 24.52 -8.64 -27.94
CA LEU A 376 25.62 -7.84 -27.45
C LEU A 376 26.30 -8.57 -26.29
N GLU A 377 27.56 -8.93 -26.49
CA GLU A 377 28.37 -9.49 -25.43
C GLU A 377 28.92 -8.38 -24.54
N THR A 378 29.28 -8.74 -23.31
CA THR A 378 29.77 -7.76 -22.35
C THR A 378 30.72 -8.42 -21.38
N THR A 379 31.51 -7.60 -20.71
CA THR A 379 32.33 -7.99 -19.57
C THR A 379 31.73 -7.40 -18.31
N PHE A 380 32.25 -7.84 -17.16
CA PHE A 380 31.72 -7.34 -15.90
C PHE A 380 31.91 -5.84 -15.79
N GLU A 381 33.11 -5.34 -16.10
CA GLU A 381 33.34 -3.91 -16.01
C GLU A 381 32.41 -3.14 -16.94
N GLU A 382 32.07 -3.72 -18.10
CA GLU A 382 31.15 -3.05 -19.00
C GLU A 382 29.73 -3.08 -18.45
N ARG A 383 29.32 -4.19 -17.85
CA ARG A 383 27.97 -4.29 -17.29
C ARG A 383 27.82 -3.36 -16.09
N VAL A 384 28.88 -3.23 -15.28
CA VAL A 384 28.84 -2.29 -14.16
C VAL A 384 28.48 -0.89 -14.64
N LEU A 385 29.04 -0.49 -15.78
CA LEU A 385 28.80 0.86 -16.28
C LEU A 385 27.48 0.96 -17.04
N ILE A 386 27.03 -0.13 -17.66
CA ILE A 386 25.70 -0.13 -18.26
C ILE A 386 24.64 0.05 -17.18
N GLN A 387 24.88 -0.51 -15.99
CA GLN A 387 23.93 -0.34 -14.89
C GLN A 387 23.92 1.09 -14.39
N LYS A 388 25.09 1.72 -14.30
CA LYS A 388 25.14 3.12 -13.87
C LYS A 388 24.36 4.02 -14.80
N LEU A 389 24.37 3.71 -16.10
CA LEU A 389 23.60 4.51 -17.06
C LEU A 389 22.11 4.23 -16.93
N VAL A 390 21.72 2.95 -16.90
CA VAL A 390 20.31 2.59 -16.77
C VAL A 390 19.71 3.22 -15.52
N ARG A 391 20.44 3.15 -14.40
CA ARG A 391 19.91 3.70 -13.16
C ARG A 391 19.79 5.22 -13.21
N ALA A 392 20.58 5.87 -14.06
CA ALA A 392 20.47 7.32 -14.20
C ALA A 392 19.32 7.69 -15.13
N ILE A 393 19.08 6.88 -16.16
CA ILE A 393 17.97 7.14 -17.07
C ILE A 393 16.63 6.96 -16.35
N SER A 394 16.57 5.98 -15.44
CA SER A 394 15.32 5.72 -14.73
C SER A 394 15.02 6.81 -13.71
N ARG A 395 16.01 7.21 -12.93
CA ARG A 395 15.79 8.23 -11.91
C ARG A 395 15.26 9.51 -12.52
N ARG A 396 15.86 9.95 -13.64
CA ARG A 396 15.35 11.15 -14.30
C ARG A 396 13.91 10.95 -14.76
N ALA A 397 13.58 9.75 -15.25
CA ALA A 397 12.22 9.49 -15.69
C ALA A 397 11.24 9.56 -14.53
N ALA A 398 11.61 8.97 -13.38
CA ALA A 398 10.74 8.99 -12.22
C ALA A 398 10.62 10.40 -11.65
N PHE A 399 11.76 11.08 -11.44
CA PHE A 399 11.72 12.43 -10.89
C PHE A 399 10.90 13.36 -11.77
N LEU A 400 11.05 13.26 -13.09
CA LEU A 400 10.21 14.05 -13.98
C LEU A 400 8.76 13.60 -13.93
N ALA A 401 8.54 12.30 -13.73
CA ALA A 401 7.17 11.78 -13.67
C ALA A 401 6.39 12.38 -12.52
N ALA A 402 7.07 12.89 -11.49
CA ALA A 402 6.38 13.46 -10.33
C ALA A 402 5.96 14.91 -10.55
N VAL A 403 6.64 15.63 -11.45
CA VAL A 403 6.32 17.05 -11.65
C VAL A 403 4.86 17.25 -12.01
N PRO A 404 4.29 16.57 -13.01
CA PRO A 404 2.88 16.81 -13.33
C PRO A 404 1.94 16.50 -12.18
N ILE A 405 2.25 15.48 -11.38
CA ILE A 405 1.37 15.13 -10.26
C ILE A 405 1.43 16.22 -9.18
N ALA A 406 2.65 16.63 -8.80
CA ALA A 406 2.78 17.68 -7.80
C ALA A 406 2.13 18.97 -8.28
N ALA A 407 2.37 19.35 -9.54
CA ALA A 407 1.79 20.58 -10.07
C ALA A 407 0.27 20.57 -9.98
N ILE A 408 -0.36 19.44 -10.35
CA ILE A 408 -1.81 19.37 -10.34
C ILE A 408 -2.34 19.49 -8.92
N LEU A 409 -1.73 18.77 -7.97
CA LEU A 409 -2.18 18.82 -6.59
C LEU A 409 -2.09 20.23 -6.04
N ILE A 410 -1.03 20.96 -6.39
CA ILE A 410 -0.88 22.33 -5.91
C ILE A 410 -1.99 23.22 -6.46
N LYS A 411 -2.19 23.16 -7.78
CA LYS A 411 -3.13 24.07 -8.42
C LYS A 411 -4.55 23.90 -7.87
N THR A 412 -4.94 22.68 -7.55
CA THR A 412 -6.29 22.39 -7.08
C THR A 412 -6.43 22.40 -5.56
N ASN A 413 -5.35 22.64 -4.83
CA ASN A 413 -5.36 22.65 -3.37
C ASN A 413 -6.05 21.40 -2.81
N ALA A 414 -5.61 20.23 -3.29
CA ALA A 414 -6.19 18.98 -2.83
C ALA A 414 -5.60 18.52 -1.50
N LEU A 415 -4.46 19.08 -1.10
CA LEU A 415 -3.77 18.72 0.12
C LEU A 415 -4.20 19.54 1.32
N ASN A 416 -5.01 20.57 1.11
CA ASN A 416 -5.52 21.40 2.20
C ASN A 416 -6.95 20.95 2.51
N GLN A 417 -7.01 19.76 3.09
CA GLN A 417 -8.22 19.03 3.42
C GLN A 417 -8.43 19.00 4.93
N SER A 418 -9.26 18.06 5.40
CA SER A 418 -9.57 17.96 6.82
C SER A 418 -8.52 17.11 7.53
N TYR A 419 -8.67 17.03 8.85
CA TYR A 419 -7.71 16.31 9.68
C TYR A 419 -7.67 14.83 9.31
N HIS A 420 -6.46 14.29 9.23
CA HIS A 420 -6.18 12.88 8.90
C HIS A 420 -6.54 12.50 7.46
N CYS A 421 -6.94 13.46 6.63
CA CYS A 421 -7.40 13.16 5.29
C CYS A 421 -6.23 13.14 4.31
N GLN A 422 -6.27 12.20 3.38
CA GLN A 422 -5.24 12.00 2.36
C GLN A 422 -5.90 11.86 1.00
N VAL A 423 -5.08 11.83 -0.04
CA VAL A 423 -5.56 11.73 -1.42
C VAL A 423 -4.95 10.48 -2.05
N GLU A 424 -5.54 10.07 -3.18
CA GLU A 424 -5.09 8.90 -3.91
C GLU A 424 -4.87 9.25 -5.37
N VAL A 425 -3.70 8.89 -5.89
CA VAL A 425 -3.36 9.06 -7.29
C VAL A 425 -3.33 7.68 -7.93
N GLY A 426 -4.32 7.39 -8.77
CA GLY A 426 -4.39 6.10 -9.45
C GLY A 426 -3.42 6.00 -10.63
N CYS A 427 -2.51 5.03 -10.56
CA CYS A 427 -1.48 4.84 -11.57
C CYS A 427 -1.59 3.46 -12.17
N ASP A 428 -1.67 3.40 -13.51
CA ASP A 428 -1.62 2.14 -14.23
C ASP A 428 -0.53 2.24 -15.29
N GLY A 429 0.16 1.14 -15.53
CA GLY A 429 1.21 1.11 -16.54
C GLY A 429 2.34 0.18 -16.15
N SER A 430 3.02 -0.36 -17.17
CA SER A 430 4.08 -1.32 -16.93
C SER A 430 5.25 -0.71 -16.17
N VAL A 431 5.48 0.60 -16.33
CA VAL A 431 6.62 1.24 -15.69
C VAL A 431 6.36 1.41 -14.20
N VAL A 432 5.31 2.15 -13.86
CA VAL A 432 4.98 2.40 -12.46
C VAL A 432 4.70 1.07 -11.75
N GLU A 433 4.09 0.11 -12.44
CA GLU A 433 3.67 -1.12 -11.79
C GLU A 433 4.83 -2.09 -11.62
N HIS A 434 5.60 -2.36 -12.68
CA HIS A 434 6.57 -3.45 -12.68
C HIS A 434 8.02 -3.01 -12.76
N TYR A 435 8.31 -1.77 -13.11
CA TYR A 435 9.71 -1.37 -13.19
C TYR A 435 10.29 -1.22 -11.79
N PRO A 436 11.37 -1.94 -11.45
CA PRO A 436 11.88 -1.87 -10.07
C PRO A 436 12.27 -0.45 -9.67
N GLY A 437 11.68 0.02 -8.57
CA GLY A 437 12.09 1.25 -7.94
C GLY A 437 11.45 2.51 -8.50
N PHE A 438 10.69 2.42 -9.58
CA PHE A 438 10.13 3.62 -10.21
C PHE A 438 9.24 4.38 -9.22
N ARG A 439 8.21 3.71 -8.69
CA ARG A 439 7.31 4.38 -7.77
C ARG A 439 8.06 4.92 -6.56
N SER A 440 9.05 4.17 -6.06
CA SER A 440 9.84 4.65 -4.94
C SER A 440 10.57 5.95 -5.30
N MET A 441 11.14 6.02 -6.51
CA MET A 441 11.84 7.23 -6.91
C MET A 441 10.88 8.37 -7.19
N MET A 442 9.68 8.07 -7.68
CA MET A 442 8.67 9.12 -7.86
C MET A 442 8.37 9.80 -6.54
N ARG A 443 8.20 9.03 -5.47
CA ARG A 443 7.87 9.62 -4.18
C ARG A 443 9.04 10.44 -3.63
N HIS A 444 10.28 9.99 -3.88
CA HIS A 444 11.44 10.79 -3.51
C HIS A 444 11.36 12.17 -4.16
N ALA A 445 10.84 12.23 -5.39
CA ALA A 445 10.72 13.52 -6.08
C ALA A 445 9.53 14.31 -5.54
N LEU A 446 8.40 13.63 -5.27
CA LEU A 446 7.28 14.31 -4.65
C LEU A 446 7.68 14.91 -3.30
N ALA A 447 8.59 14.26 -2.59
CA ALA A 447 9.09 14.82 -1.34
C ALA A 447 10.01 16.00 -1.59
N LEU A 448 10.75 15.98 -2.70
CA LEU A 448 11.58 17.11 -3.09
C LEU A 448 10.77 18.21 -3.78
N SER A 449 9.56 17.91 -4.23
CA SER A 449 8.72 18.88 -4.89
C SER A 449 8.24 19.91 -3.88
N PRO A 450 7.57 20.97 -4.33
CA PRO A 450 7.10 22.02 -3.41
C PRO A 450 6.12 21.53 -2.36
N ILE A 451 5.56 20.32 -2.48
CA ILE A 451 4.65 19.82 -1.46
C ILE A 451 5.39 19.20 -0.27
N GLY A 452 6.69 18.92 -0.42
CA GLY A 452 7.50 18.47 0.68
C GLY A 452 7.18 17.05 1.12
N PRO A 453 8.02 16.49 1.99
CA PRO A 453 7.73 15.15 2.52
C PRO A 453 6.40 15.07 3.24
N GLU A 454 5.95 16.16 3.86
CA GLU A 454 4.63 16.16 4.48
C GLU A 454 3.54 15.88 3.47
N GLY A 455 3.72 16.32 2.23
CA GLY A 455 2.74 16.09 1.18
C GLY A 455 2.82 14.68 0.62
N GLU A 456 4.04 14.19 0.38
CA GLU A 456 4.20 12.84 -0.15
C GLU A 456 3.48 11.82 0.72
N ARG A 457 3.54 11.99 2.04
CA ARG A 457 2.87 11.07 2.95
C ARG A 457 1.35 11.19 2.87
N ASP A 458 0.84 12.32 2.38
CA ASP A 458 -0.59 12.48 2.17
C ASP A 458 -1.04 12.04 0.78
N VAL A 459 -0.10 11.60 -0.07
CA VAL A 459 -0.40 11.11 -1.41
C VAL A 459 -0.17 9.61 -1.42
N HIS A 460 -1.15 8.87 -1.94
CA HIS A 460 -1.07 7.42 -2.03
C HIS A 460 -1.04 7.04 -3.50
N LEU A 461 0.16 6.74 -4.02
CA LEU A 461 0.32 6.27 -5.38
C LEU A 461 -0.10 4.81 -5.42
N ARG A 462 -1.32 4.56 -5.86
CA ARG A 462 -1.93 3.23 -5.82
C ARG A 462 -2.06 2.68 -7.24
N ILE A 463 -1.59 1.44 -7.43
CA ILE A 463 -1.75 0.79 -8.73
C ILE A 463 -3.22 0.44 -8.92
N SER A 464 -3.75 0.79 -10.10
CA SER A 464 -5.13 0.50 -10.46
C SER A 464 -5.12 -0.65 -11.47
N LYS A 465 -5.05 -1.88 -10.96
CA LYS A 465 -5.12 -3.06 -11.81
C LYS A 465 -6.55 -3.47 -12.14
N ASP A 466 -7.48 -2.52 -12.05
CA ASP A 466 -8.86 -2.78 -12.43
C ASP A 466 -9.03 -2.60 -13.94
N GLY A 467 -8.34 -1.62 -14.50
CA GLY A 467 -8.36 -1.37 -15.94
C GLY A 467 -9.27 -0.22 -16.31
N SER A 468 -8.94 0.44 -17.42
CA SER A 468 -9.77 1.52 -17.94
C SER A 468 -11.05 1.03 -18.59
N GLY A 469 -11.25 -0.29 -18.65
CA GLY A 469 -12.50 -0.81 -19.18
C GLY A 469 -13.66 -0.59 -18.21
N VAL A 470 -13.41 -0.77 -16.92
CA VAL A 470 -14.43 -0.47 -15.93
C VAL A 470 -14.84 0.99 -16.01
N GLY A 471 -13.87 1.88 -16.26
CA GLY A 471 -14.20 3.29 -16.39
C GLY A 471 -15.08 3.54 -17.60
N ALA A 472 -14.70 3.00 -18.75
CA ALA A 472 -15.52 3.13 -19.94
C ALA A 472 -16.85 2.40 -19.77
N ALA A 473 -16.83 1.26 -19.08
CA ALA A 473 -18.09 0.58 -18.76
C ALA A 473 -19.01 1.49 -17.96
N LEU A 474 -18.44 2.28 -17.05
CA LEU A 474 -19.25 3.23 -16.29
C LEU A 474 -19.77 4.34 -17.19
N CYS A 475 -18.96 4.77 -18.17
CA CYS A 475 -19.43 5.76 -19.13
C CYS A 475 -20.50 5.20 -20.06
N ALA A 476 -20.56 3.87 -20.23
CA ALA A 476 -21.55 3.24 -21.08
C ALA A 476 -22.87 3.01 -20.34
N LEU A 477 -22.80 2.55 -19.09
CA LEU A 477 -24.00 2.40 -18.29
C LEU A 477 -24.79 3.70 -18.19
N HIS A 478 -24.09 4.84 -18.25
CA HIS A 478 -24.76 6.13 -18.14
C HIS A 478 -25.43 6.54 -19.46
N ALA A 479 -24.69 6.47 -20.56
CA ALA A 479 -25.22 6.92 -21.84
C ALA A 479 -26.30 5.97 -22.36
N ASN A 480 -27.06 6.45 -23.34
CA ASN A 480 -28.12 5.67 -23.95
C ASN A 480 -27.59 4.90 -25.15
N TYR A 481 -28.33 3.86 -25.54
CA TYR A 481 -27.96 3.03 -26.67
C TYR A 481 -28.11 3.80 -27.98
N SER B 2 -16.55 28.38 26.67
CA SER B 2 -15.47 29.30 26.38
C SER B 2 -14.65 29.63 27.63
N ASP B 3 -14.97 28.94 28.73
CA ASP B 3 -14.25 29.06 29.99
C ASP B 3 -12.74 29.14 29.76
N PRO B 4 -12.13 30.33 29.85
CA PRO B 4 -10.68 30.41 29.68
C PRO B 4 -9.95 29.48 30.61
N LYS B 5 -10.56 29.15 31.76
CA LYS B 5 -9.97 28.19 32.68
C LYS B 5 -9.90 26.81 32.03
N LEU B 6 -11.04 26.29 31.60
CA LEU B 6 -11.09 24.97 30.95
C LEU B 6 -10.35 24.99 29.62
N THR B 7 -10.48 26.09 28.86
CA THR B 7 -9.87 26.14 27.54
C THR B 7 -8.35 26.00 27.63
N LYS B 8 -7.71 26.80 28.47
CA LYS B 8 -6.26 26.73 28.61
C LYS B 8 -5.79 25.57 29.49
N ALA B 9 -6.69 25.03 30.32
CA ALA B 9 -6.33 23.83 31.07
C ALA B 9 -6.15 22.64 30.13
N VAL B 10 -6.97 22.56 29.09
CA VAL B 10 -6.82 21.50 28.10
C VAL B 10 -5.61 21.78 27.21
N ASP B 11 -5.46 23.02 26.76
CA ASP B 11 -4.31 23.38 25.93
C ASP B 11 -3.00 23.03 26.62
N SER B 12 -2.98 23.04 27.95
CA SER B 12 -1.78 22.64 28.68
C SER B 12 -1.65 21.12 28.73
N ILE B 13 -2.77 20.41 28.90
CA ILE B 13 -2.73 18.95 28.87
C ILE B 13 -2.33 18.46 27.49
N CYS B 14 -2.77 19.15 26.44
CA CYS B 14 -2.39 18.75 25.08
C CYS B 14 -0.88 18.90 24.87
N ASP B 15 -0.33 20.05 25.27
CA ASP B 15 1.09 20.28 25.06
C ASP B 15 1.95 19.26 25.79
N GLN B 16 1.45 18.70 26.90
CA GLN B 16 2.21 17.70 27.63
C GLN B 16 2.35 16.41 26.83
N PHE B 17 1.38 16.10 25.97
CA PHE B 17 1.39 14.86 25.20
C PHE B 17 2.24 14.95 23.95
N ILE B 18 2.80 16.12 23.63
CA ILE B 18 3.59 16.27 22.41
C ILE B 18 4.86 15.44 22.52
N VAL B 19 5.20 14.75 21.44
CA VAL B 19 6.44 13.99 21.33
C VAL B 19 7.31 14.67 20.27
N THR B 20 8.51 15.06 20.67
CA THR B 20 9.40 15.81 19.79
C THR B 20 10.30 14.86 18.99
N LYS B 21 10.93 15.42 17.96
CA LYS B 21 11.88 14.64 17.17
C LYS B 21 13.04 14.17 18.04
N SER B 22 13.51 15.01 18.95
CA SER B 22 14.62 14.62 19.81
C SER B 22 14.22 13.50 20.76
N LYS B 23 12.97 13.51 21.24
CA LYS B 23 12.51 12.42 22.10
C LYS B 23 12.42 11.12 21.33
N ILE B 24 11.93 11.16 20.08
CA ILE B 24 11.88 9.96 19.26
C ILE B 24 13.29 9.40 19.09
N SER B 25 14.26 10.27 18.81
CA SER B 25 15.63 9.81 18.67
C SER B 25 16.14 9.20 19.97
N GLN B 26 15.87 9.86 21.10
CA GLN B 26 16.28 9.34 22.40
C GLN B 26 15.66 7.96 22.65
N LEU B 27 14.35 7.84 22.48
CA LEU B 27 13.68 6.57 22.73
C LEU B 27 14.09 5.50 21.74
N THR B 28 14.39 5.89 20.49
CA THR B 28 14.85 4.91 19.51
C THR B 28 16.18 4.29 19.91
N GLU B 29 17.16 5.13 20.27
CA GLU B 29 18.47 4.63 20.63
C GLU B 29 18.42 3.85 21.95
N TYR B 30 17.58 4.31 22.90
CA TYR B 30 17.42 3.55 24.13
C TYR B 30 16.80 2.19 23.85
N PHE B 31 15.82 2.14 22.95
CA PHE B 31 15.22 0.86 22.61
C PHE B 31 16.25 -0.12 22.08
N ILE B 32 17.17 0.37 21.23
CA ILE B 32 18.22 -0.51 20.73
C ILE B 32 19.13 -0.96 21.87
N ASP B 33 19.46 -0.06 22.78
CA ASP B 33 20.24 -0.46 23.95
C ASP B 33 19.51 -1.55 24.72
N CYS B 34 18.19 -1.40 24.88
CA CYS B 34 17.41 -2.40 25.59
C CYS B 34 17.32 -3.70 24.81
N MET B 35 17.34 -3.64 23.48
CA MET B 35 17.38 -4.86 22.68
C MET B 35 18.66 -5.65 22.94
N GLU B 36 19.80 -4.96 22.93
CA GLU B 36 21.06 -5.66 23.13
C GLU B 36 21.14 -6.28 24.52
N LYS B 37 20.67 -5.56 25.54
CA LYS B 37 20.66 -6.11 26.89
C LYS B 37 19.79 -7.36 26.97
N GLY B 38 18.57 -7.28 26.42
CA GLY B 38 17.66 -8.40 26.50
C GLY B 38 18.13 -9.65 25.80
N LEU B 39 19.04 -9.50 24.83
CA LEU B 39 19.58 -10.66 24.13
C LEU B 39 20.70 -11.35 24.90
N GLU B 40 21.21 -10.72 26.00
CA GLU B 40 22.23 -11.41 26.78
C GLU B 40 21.58 -12.31 27.83
N PRO B 41 22.23 -13.38 28.24
CA PRO B 41 21.64 -14.25 29.26
C PRO B 41 21.44 -13.51 30.58
N CYS B 42 20.26 -13.69 31.17
CA CYS B 42 19.94 -13.13 32.47
C CYS B 42 19.85 -14.25 33.49
N GLU B 43 20.31 -13.98 34.71
CA GLU B 43 20.30 -15.01 35.75
C GLU B 43 19.08 -14.91 36.66
N SER B 44 18.48 -13.74 36.79
CA SER B 44 17.42 -13.55 37.76
C SER B 44 16.17 -14.32 37.34
N ASP B 45 15.10 -14.16 38.12
CA ASP B 45 13.82 -14.76 37.76
C ASP B 45 13.29 -14.13 36.47
N ILE B 46 12.76 -14.96 35.57
CA ILE B 46 12.28 -14.43 34.30
C ILE B 46 11.05 -13.55 34.52
N SER B 47 10.24 -13.86 35.53
CA SER B 47 9.06 -13.06 35.83
C SER B 47 9.38 -11.78 36.57
N GLN B 48 10.60 -11.60 37.06
CA GLN B 48 11.01 -10.38 37.75
C GLN B 48 11.71 -9.38 36.85
N ASN B 49 12.32 -9.83 35.75
CA ASN B 49 13.01 -8.92 34.85
C ASN B 49 12.08 -7.83 34.35
N LYS B 50 12.49 -6.57 34.53
CA LYS B 50 11.70 -5.41 34.11
C LYS B 50 12.10 -4.88 32.74
N GLY B 51 13.10 -5.49 32.08
CA GLY B 51 13.59 -5.00 30.81
C GLY B 51 12.94 -5.70 29.62
N LEU B 52 13.38 -5.28 28.43
CA LEU B 52 12.86 -5.82 27.18
C LEU B 52 13.09 -7.33 27.15
N PRO B 53 12.03 -8.14 27.22
CA PRO B 53 12.24 -9.60 27.33
C PRO B 53 13.08 -10.19 26.22
N MET B 54 12.83 -9.82 24.95
CA MET B 54 13.60 -10.32 23.82
C MET B 54 13.67 -11.85 23.86
N ILE B 55 12.49 -12.45 23.66
CA ILE B 55 12.29 -13.88 23.88
C ILE B 55 12.61 -14.61 22.57
N PRO B 56 13.57 -15.55 22.58
CA PRO B 56 13.74 -16.41 21.40
C PRO B 56 12.51 -17.28 21.20
N THR B 57 12.07 -17.39 19.95
CA THR B 57 10.87 -18.14 19.62
C THR B 57 11.15 -19.53 19.06
N PHE B 58 12.40 -19.84 18.73
CA PHE B 58 12.78 -21.13 18.17
C PHE B 58 12.12 -21.36 16.81
N VAL B 59 11.85 -20.28 16.09
CA VAL B 59 11.40 -20.32 14.71
C VAL B 59 12.50 -19.70 13.86
N THR B 60 13.11 -20.51 12.99
CA THR B 60 14.29 -20.09 12.25
C THR B 60 14.09 -20.04 10.75
N ASP B 61 12.90 -20.33 10.23
CA ASP B 61 12.65 -20.42 8.80
C ASP B 61 11.43 -19.59 8.44
N LYS B 62 11.61 -18.60 7.58
CA LYS B 62 10.51 -17.78 7.09
C LYS B 62 9.76 -18.52 5.99
N PRO B 63 8.43 -18.61 6.05
CA PRO B 63 7.70 -19.30 4.99
C PRO B 63 8.08 -18.78 3.62
N SER B 64 7.97 -19.67 2.63
CA SER B 64 8.27 -19.33 1.25
C SER B 64 7.04 -18.90 0.47
N GLY B 65 5.90 -19.52 0.76
CA GLY B 65 4.67 -19.32 0.00
C GLY B 65 4.28 -20.54 -0.79
N GLN B 66 5.17 -21.51 -0.96
CA GLN B 66 4.90 -22.74 -1.68
C GLN B 66 4.63 -23.92 -0.75
N GLU B 67 4.65 -23.70 0.56
CA GLU B 67 4.35 -24.78 1.50
C GLU B 67 2.98 -25.38 1.20
N HIS B 68 2.87 -26.69 1.37
CA HIS B 68 1.62 -27.39 1.11
C HIS B 68 1.54 -28.58 2.05
N GLY B 69 0.31 -28.99 2.34
CA GLY B 69 0.10 -30.11 3.25
C GLY B 69 -1.36 -30.36 3.48
N VAL B 70 -1.64 -31.23 4.45
CA VAL B 70 -3.01 -31.59 4.79
C VAL B 70 -3.57 -30.54 5.73
N THR B 71 -4.88 -30.57 5.95
CA THR B 71 -5.54 -29.57 6.78
C THR B 71 -4.98 -29.59 8.19
N MET B 72 -4.42 -28.47 8.63
CA MET B 72 -3.93 -28.30 9.99
C MET B 72 -4.98 -27.60 10.84
N LEU B 73 -4.85 -27.76 12.15
CA LEU B 73 -5.71 -27.08 13.11
C LEU B 73 -4.94 -25.94 13.77
N ALA B 74 -5.71 -24.98 14.28
CA ALA B 74 -5.12 -23.81 14.92
C ALA B 74 -6.03 -23.32 16.03
N ALA B 75 -5.42 -22.67 17.02
CA ALA B 75 -6.13 -22.14 18.17
C ALA B 75 -5.48 -20.82 18.56
N ASP B 76 -6.27 -19.77 18.74
CA ASP B 76 -5.76 -18.44 19.01
C ASP B 76 -6.50 -17.87 20.22
N LEU B 77 -5.80 -17.76 21.34
CA LEU B 77 -6.32 -17.12 22.54
C LEU B 77 -5.73 -15.72 22.65
N GLY B 78 -6.59 -14.71 22.60
CA GLY B 78 -6.18 -13.34 22.79
C GLY B 78 -6.66 -12.78 24.11
N GLY B 79 -6.86 -11.47 24.16
CA GLY B 79 -7.39 -10.81 25.34
C GLY B 79 -8.89 -10.60 25.34
N THR B 80 -9.58 -11.01 24.27
CA THR B 80 -11.01 -10.73 24.15
C THR B 80 -11.77 -11.93 23.60
N ASN B 81 -11.19 -12.63 22.63
CA ASN B 81 -11.87 -13.74 21.97
C ASN B 81 -10.92 -14.94 21.87
N PHE B 82 -11.53 -16.12 21.74
CA PHE B 82 -10.80 -17.34 21.43
C PHE B 82 -11.44 -17.96 20.19
N ARG B 83 -10.61 -18.34 19.22
CA ARG B 83 -11.10 -18.90 17.97
C ARG B 83 -10.32 -20.15 17.62
N VAL B 84 -11.00 -21.09 16.98
CA VAL B 84 -10.40 -22.32 16.47
C VAL B 84 -10.71 -22.39 14.98
N CYS B 85 -9.73 -22.84 14.20
CA CYS B 85 -9.90 -22.86 12.76
C CYS B 85 -9.11 -24.03 12.17
N SER B 86 -9.45 -24.35 10.92
CA SER B 86 -8.80 -25.41 10.17
C SER B 86 -8.22 -24.79 8.90
N VAL B 87 -6.90 -24.85 8.77
CA VAL B 87 -6.18 -24.21 7.66
C VAL B 87 -5.53 -25.31 6.82
N GLU B 88 -5.86 -25.34 5.54
CA GLU B 88 -5.24 -26.24 4.57
C GLU B 88 -4.28 -25.42 3.71
N LEU B 89 -2.98 -25.65 3.89
CA LEU B 89 -1.97 -24.94 3.11
C LEU B 89 -1.86 -25.56 1.73
N LEU B 90 -2.16 -24.78 0.69
CA LEU B 90 -2.18 -25.27 -0.68
C LEU B 90 -0.94 -24.95 -1.48
N GLY B 91 -0.14 -23.97 -1.05
CA GLY B 91 0.96 -23.48 -1.83
C GLY B 91 0.54 -22.37 -2.77
N ASN B 92 1.55 -21.72 -3.36
CA ASN B 92 1.33 -20.56 -4.23
C ASN B 92 0.60 -19.45 -3.48
N HIS B 93 0.98 -19.24 -2.21
CA HIS B 93 0.45 -18.14 -1.40
C HIS B 93 -1.08 -18.21 -1.30
N GLU B 94 -1.59 -19.41 -1.01
CA GLU B 94 -3.02 -19.63 -0.94
C GLU B 94 -3.33 -20.67 0.12
N PHE B 95 -4.54 -20.60 0.65
CA PHE B 95 -4.96 -21.47 1.74
C PHE B 95 -6.48 -21.46 1.86
N LYS B 96 -7.01 -22.52 2.46
CA LYS B 96 -8.41 -22.63 2.81
C LYS B 96 -8.53 -22.57 4.33
N ILE B 97 -9.50 -21.79 4.82
CA ILE B 97 -9.66 -21.60 6.26
C ILE B 97 -11.13 -21.67 6.60
N GLU B 98 -11.45 -22.46 7.63
CA GLU B 98 -12.77 -22.49 8.26
C GLU B 98 -12.57 -22.21 9.74
N GLN B 99 -13.24 -21.18 10.24
CA GLN B 99 -12.99 -20.72 11.60
C GLN B 99 -14.29 -20.42 12.33
N GLU B 100 -14.26 -20.62 13.64
CA GLU B 100 -15.35 -20.25 14.54
C GLU B 100 -14.76 -19.42 15.67
N LYS B 101 -15.39 -18.28 15.96
CA LYS B 101 -14.89 -17.31 16.92
C LYS B 101 -15.84 -17.20 18.09
N SER B 102 -15.29 -17.05 19.29
CA SER B 102 -16.09 -17.00 20.51
C SER B 102 -15.43 -16.06 21.51
N LYS B 103 -16.26 -15.29 22.22
CA LYS B 103 -15.74 -14.38 23.23
C LYS B 103 -15.30 -15.15 24.47
N ILE B 104 -14.22 -14.69 25.08
CA ILE B 104 -13.71 -15.27 26.32
C ILE B 104 -14.77 -15.07 27.40
N PRO B 105 -15.29 -16.14 28.02
CA PRO B 105 -16.38 -15.97 28.99
C PRO B 105 -16.03 -14.97 30.07
N THR B 106 -17.06 -14.25 30.53
CA THR B 106 -16.87 -13.25 31.58
C THR B 106 -16.40 -13.87 32.88
N PHE B 107 -16.67 -15.17 33.10
CA PHE B 107 -16.21 -15.83 34.31
C PHE B 107 -14.71 -15.63 34.52
N PHE B 108 -13.95 -15.50 33.44
CA PHE B 108 -12.51 -15.28 33.52
C PHE B 108 -12.15 -13.81 33.75
N PHE B 109 -13.11 -12.88 33.64
CA PHE B 109 -12.86 -11.46 33.85
C PHE B 109 -13.43 -10.99 35.19
N GLN B 110 -13.33 -11.83 36.21
CA GLN B 110 -13.83 -11.47 37.53
C GLN B 110 -13.00 -12.20 38.59
N ASP B 111 -12.74 -11.52 39.70
CA ASP B 111 -12.00 -12.09 40.81
C ASP B 111 -12.90 -12.57 41.95
N ASP B 112 -14.21 -12.38 41.84
CA ASP B 112 -15.12 -12.89 42.86
C ASP B 112 -14.92 -14.39 43.09
N HIS B 113 -14.75 -15.15 42.01
CA HIS B 113 -14.61 -16.60 42.09
C HIS B 113 -13.16 -17.00 41.86
N HIS B 114 -12.84 -18.21 42.32
CA HIS B 114 -11.50 -18.76 42.15
C HIS B 114 -11.39 -19.37 40.76
N VAL B 115 -10.61 -18.73 39.89
CA VAL B 115 -10.38 -19.19 38.53
C VAL B 115 -9.04 -19.93 38.50
N THR B 116 -8.99 -21.00 37.72
CA THR B 116 -7.81 -21.85 37.64
C THR B 116 -7.45 -22.09 36.17
N SER B 117 -6.23 -22.59 35.96
CA SER B 117 -5.79 -22.91 34.60
C SER B 117 -6.68 -23.98 33.97
N LYS B 118 -7.09 -24.97 34.78
CA LYS B 118 -7.95 -26.03 34.25
C LYS B 118 -9.28 -25.47 33.75
N ASP B 119 -9.84 -24.48 34.47
CA ASP B 119 -11.08 -23.87 34.02
C ASP B 119 -10.94 -23.33 32.60
N LEU B 120 -9.79 -22.73 32.30
CA LEU B 120 -9.59 -22.11 30.99
C LEU B 120 -9.37 -23.17 29.92
N PHE B 121 -8.39 -24.05 30.11
CA PHE B 121 -8.06 -25.02 29.08
C PHE B 121 -9.14 -26.09 28.91
N GLN B 122 -9.89 -26.40 29.97
CA GLN B 122 -11.04 -27.28 29.79
C GLN B 122 -12.06 -26.65 28.85
N HIS B 123 -12.36 -25.37 29.04
CA HIS B 123 -13.29 -24.69 28.15
C HIS B 123 -12.72 -24.60 26.74
N MET B 124 -11.41 -24.39 26.61
CA MET B 124 -10.79 -24.37 25.28
C MET B 124 -10.93 -25.72 24.60
N ALA B 125 -10.65 -26.81 25.33
CA ALA B 125 -10.76 -28.14 24.73
C ALA B 125 -12.17 -28.43 24.26
N LEU B 126 -13.18 -27.89 24.96
CA LEU B 126 -14.56 -28.10 24.51
C LEU B 126 -14.85 -27.32 23.24
N ILE B 127 -14.38 -26.08 23.14
CA ILE B 127 -14.57 -25.32 21.91
C ILE B 127 -13.92 -26.03 20.73
N THR B 128 -12.72 -26.59 20.94
CA THR B 128 -12.08 -27.37 19.89
C THR B 128 -12.96 -28.55 19.48
N HIS B 129 -13.48 -29.28 20.46
CA HIS B 129 -14.36 -30.41 20.16
C HIS B 129 -15.61 -29.94 19.41
N GLN B 130 -16.19 -28.82 19.86
CA GLN B 130 -17.38 -28.30 19.19
C GLN B 130 -17.07 -27.92 17.74
N PHE B 131 -15.88 -27.37 17.50
CA PHE B 131 -15.50 -27.01 16.13
C PHE B 131 -15.26 -28.24 15.27
N LEU B 132 -14.56 -29.23 15.81
CA LEU B 132 -14.29 -30.45 15.05
C LEU B 132 -15.56 -31.23 14.74
N THR B 133 -16.63 -31.00 15.50
CA THR B 133 -17.90 -31.66 15.24
C THR B 133 -18.74 -30.92 14.21
N LYS B 134 -18.55 -29.61 14.06
CA LYS B 134 -19.32 -28.82 13.12
C LYS B 134 -18.69 -28.76 11.73
N HIS B 135 -17.35 -28.80 11.65
CA HIS B 135 -16.64 -28.63 10.39
C HIS B 135 -15.88 -29.86 9.93
N HIS B 136 -15.61 -30.81 10.82
CA HIS B 136 -14.86 -32.02 10.46
C HIS B 136 -15.46 -33.22 11.20
N LYS B 137 -16.79 -33.32 11.17
CA LYS B 137 -17.49 -34.35 11.93
C LYS B 137 -17.10 -35.76 11.50
N ASP B 138 -16.58 -35.93 10.29
CA ASP B 138 -16.36 -37.27 9.76
C ASP B 138 -15.18 -37.98 10.38
N VAL B 139 -14.20 -37.25 10.94
CA VAL B 139 -12.96 -37.85 11.40
C VAL B 139 -12.46 -37.16 12.66
N ILE B 140 -13.39 -36.81 13.56
CA ILE B 140 -12.99 -36.11 14.78
C ILE B 140 -12.12 -37.00 15.66
N GLN B 141 -12.54 -38.26 15.86
CA GLN B 141 -11.85 -39.18 16.74
C GLN B 141 -10.97 -40.16 15.98
N ASP B 142 -10.78 -39.96 14.68
CA ASP B 142 -9.97 -40.83 13.84
C ASP B 142 -8.70 -40.15 13.37
N TYR B 143 -8.81 -38.97 12.78
CA TYR B 143 -7.68 -38.27 12.20
C TYR B 143 -6.60 -38.03 13.25
N LYS B 144 -5.36 -37.88 12.77
CA LYS B 144 -4.25 -37.48 13.62
C LYS B 144 -3.97 -35.99 13.44
N TRP B 145 -4.91 -35.17 13.92
CA TRP B 145 -4.81 -33.73 13.75
C TRP B 145 -3.52 -33.19 14.39
N LYS B 146 -2.86 -32.28 13.68
CA LYS B 146 -1.77 -31.49 14.23
C LYS B 146 -2.26 -30.05 14.41
N MET B 147 -2.02 -29.49 15.60
CA MET B 147 -2.54 -28.18 15.96
C MET B 147 -1.39 -27.24 16.33
N GLY B 148 -1.51 -25.99 15.91
CA GLY B 148 -0.63 -24.92 16.34
C GLY B 148 -1.41 -23.95 17.22
N PHE B 149 -0.80 -23.61 18.36
CA PHE B 149 -1.44 -22.81 19.40
C PHE B 149 -0.86 -21.40 19.39
N THR B 150 -1.67 -20.42 18.99
CA THR B 150 -1.29 -19.02 19.06
C THR B 150 -1.70 -18.48 20.44
N PHE B 151 -0.71 -18.12 21.25
CA PHE B 151 -0.92 -17.66 22.62
C PHE B 151 -0.44 -16.22 22.72
N SER B 152 -1.39 -15.28 22.76
CA SER B 152 -1.06 -13.86 22.70
C SER B 152 -0.57 -13.33 24.03
N TYR B 153 0.41 -13.99 24.64
CA TYR B 153 0.91 -13.59 25.95
C TYR B 153 2.38 -13.96 26.07
N PRO B 154 3.17 -13.19 26.81
CA PRO B 154 4.59 -13.52 26.96
C PRO B 154 4.78 -14.92 27.52
N VAL B 155 5.64 -15.70 26.86
CA VAL B 155 5.93 -17.08 27.25
C VAL B 155 7.43 -17.28 27.26
N ASP B 156 7.92 -18.04 28.25
CA ASP B 156 9.34 -18.38 28.35
C ASP B 156 9.62 -19.57 27.42
N GLN B 157 9.51 -19.28 26.13
CA GLN B 157 9.61 -20.34 25.12
C GLN B 157 10.96 -21.02 25.19
N THR B 158 10.93 -22.35 25.32
CA THR B 158 12.15 -23.16 25.33
C THR B 158 12.28 -24.06 24.10
N SER B 159 11.20 -24.20 23.32
CA SER B 159 11.24 -24.91 22.06
C SER B 159 9.98 -24.51 21.29
N LEU B 160 9.81 -25.11 20.11
CA LEU B 160 8.63 -24.78 19.32
C LEU B 160 7.35 -25.29 19.98
N SER B 161 7.45 -26.31 20.84
CA SER B 161 6.28 -26.92 21.48
C SER B 161 6.23 -26.70 22.98
N SER B 162 7.19 -25.97 23.55
CA SER B 162 7.28 -25.80 25.00
C SER B 162 7.49 -24.34 25.35
N GLY B 163 7.06 -23.97 26.55
CA GLY B 163 7.20 -22.61 27.04
C GLY B 163 6.25 -22.30 28.18
N LYS B 164 6.78 -21.69 29.25
CA LYS B 164 5.99 -21.39 30.44
C LYS B 164 5.55 -19.93 30.42
N LEU B 165 4.30 -19.69 30.83
CA LEU B 165 3.78 -18.34 30.89
C LEU B 165 4.62 -17.47 31.83
N ILE B 166 4.93 -16.27 31.38
CA ILE B 166 5.63 -15.29 32.21
C ILE B 166 4.65 -14.44 33.01
N ARG B 167 3.62 -13.90 32.35
CA ARG B 167 2.66 -13.02 33.00
C ARG B 167 1.45 -12.81 32.10
N TRP B 168 0.31 -12.55 32.73
CA TRP B 168 -0.88 -12.10 32.03
C TRP B 168 -0.76 -10.60 31.76
N THR B 169 -1.50 -10.10 30.77
CA THR B 169 -1.31 -8.71 30.37
C THR B 169 -2.55 -7.97 29.89
N LYS B 170 -3.69 -8.65 29.75
CA LYS B 170 -4.89 -8.00 29.17
C LYS B 170 -6.15 -8.34 29.96
N GLY B 171 -6.28 -7.68 31.11
CA GLY B 171 -7.52 -7.59 31.86
C GLY B 171 -8.02 -8.86 32.51
N PHE B 172 -7.39 -10.00 32.29
CA PHE B 172 -7.78 -11.23 32.96
C PHE B 172 -6.55 -11.92 33.52
N LYS B 173 -6.66 -12.39 34.75
CA LYS B 173 -5.56 -12.96 35.51
C LYS B 173 -5.95 -14.31 36.11
N ILE B 174 -5.14 -15.32 35.81
CA ILE B 174 -5.31 -16.66 36.37
C ILE B 174 -3.95 -17.07 36.94
N GLY B 175 -3.67 -16.64 38.17
CA GLY B 175 -2.38 -16.84 38.80
C GLY B 175 -1.87 -18.27 38.76
N ASP B 176 -2.78 -19.22 38.60
CA ASP B 176 -2.39 -20.63 38.54
C ASP B 176 -1.48 -20.90 37.35
N THR B 177 -1.66 -20.17 36.25
CA THR B 177 -0.97 -20.48 35.00
C THR B 177 0.50 -20.06 35.03
N VAL B 178 0.86 -19.05 35.82
CA VAL B 178 2.21 -18.52 35.80
C VAL B 178 3.20 -19.64 36.12
N GLY B 179 4.13 -19.88 35.20
CA GLY B 179 5.16 -20.89 35.39
C GLY B 179 4.79 -22.27 34.89
N GLN B 180 3.74 -22.40 34.08
CA GLN B 180 3.27 -23.68 33.59
C GLN B 180 3.37 -23.72 32.07
N ASP B 181 3.93 -24.80 31.54
CA ASP B 181 3.97 -24.99 30.10
C ASP B 181 2.54 -25.02 29.55
N VAL B 182 2.12 -23.93 28.94
CA VAL B 182 0.73 -23.79 28.51
C VAL B 182 0.35 -24.84 27.47
N VAL B 183 1.32 -25.36 26.71
CA VAL B 183 1.02 -26.40 25.75
C VAL B 183 0.57 -27.67 26.46
N GLN B 184 1.30 -28.07 27.49
CA GLN B 184 0.92 -29.25 28.26
C GLN B 184 -0.48 -29.09 28.85
N LEU B 185 -0.73 -27.95 29.49
CA LEU B 185 -2.05 -27.69 30.08
C LEU B 185 -3.15 -27.90 29.04
N PHE B 186 -2.97 -27.34 27.84
CA PHE B 186 -3.98 -27.48 26.80
C PHE B 186 -4.09 -28.93 26.33
N GLN B 187 -2.96 -29.61 26.19
CA GLN B 187 -2.98 -30.99 25.71
C GLN B 187 -3.73 -31.89 26.68
N GLN B 188 -3.51 -31.72 27.98
CA GLN B 188 -4.16 -32.58 28.96
C GLN B 188 -5.67 -32.49 28.86
N GLU B 189 -6.21 -31.28 28.68
CA GLU B 189 -7.65 -31.12 28.59
C GLU B 189 -8.19 -31.63 27.26
N LEU B 190 -7.40 -31.54 26.19
CA LEU B 190 -7.83 -32.13 24.92
C LEU B 190 -7.88 -33.65 25.01
N ASN B 191 -6.93 -34.26 25.71
CA ASN B 191 -6.92 -35.71 25.87
C ASN B 191 -8.03 -36.17 26.81
N ASP B 192 -8.36 -35.36 27.82
CA ASP B 192 -9.33 -35.77 28.82
C ASP B 192 -10.76 -35.76 28.29
N ILE B 193 -11.02 -35.11 27.16
CA ILE B 193 -12.34 -35.08 26.57
C ILE B 193 -12.42 -35.97 25.33
N GLY B 194 -11.42 -36.81 25.10
CA GLY B 194 -11.41 -37.75 23.99
C GLY B 194 -10.58 -37.31 22.81
N LEU B 195 -10.20 -36.03 22.74
CA LEU B 195 -9.43 -35.50 21.62
C LEU B 195 -7.92 -35.69 21.83
N SER B 196 -7.52 -36.82 22.41
CA SER B 196 -6.10 -37.12 22.51
C SER B 196 -5.46 -37.32 21.13
N ASN B 197 -6.27 -37.52 20.08
CA ASN B 197 -5.77 -37.60 18.72
C ASN B 197 -5.45 -36.22 18.14
N VAL B 198 -5.62 -35.16 18.90
CA VAL B 198 -5.23 -33.81 18.50
C VAL B 198 -4.00 -33.45 19.31
N HIS B 199 -2.86 -33.30 18.63
CA HIS B 199 -1.59 -33.02 19.28
C HIS B 199 -1.20 -31.57 19.03
N VAL B 200 -1.04 -30.81 20.10
CA VAL B 200 -0.55 -29.43 20.00
C VAL B 200 0.95 -29.51 19.78
N VAL B 201 1.39 -29.15 18.57
CA VAL B 201 2.79 -29.34 18.18
C VAL B 201 3.56 -28.03 18.09
N ALA B 202 2.91 -26.89 18.20
CA ALA B 202 3.59 -25.61 18.06
C ALA B 202 2.95 -24.58 18.98
N LEU B 203 3.78 -23.68 19.48
CA LEU B 203 3.35 -22.55 20.30
C LEU B 203 3.96 -21.28 19.71
N THR B 204 3.09 -20.34 19.34
CA THR B 204 3.54 -19.09 18.74
C THR B 204 2.85 -17.92 19.40
N ASN B 205 3.56 -16.80 19.44
CA ASN B 205 2.97 -15.52 19.80
C ASN B 205 2.25 -14.94 18.59
N ASP B 206 1.25 -14.10 18.84
CA ASP B 206 0.52 -13.51 17.74
C ASP B 206 1.40 -12.61 16.88
N THR B 207 2.52 -12.13 17.43
CA THR B 207 3.50 -11.42 16.60
C THR B 207 4.18 -12.39 15.63
N THR B 208 4.75 -13.47 16.17
CA THR B 208 5.39 -14.47 15.32
C THR B 208 4.44 -14.95 14.22
N GLY B 209 3.18 -15.22 14.59
CA GLY B 209 2.22 -15.69 13.60
C GLY B 209 1.96 -14.67 12.52
N THR B 210 1.87 -13.39 12.90
CA THR B 210 1.59 -12.35 11.92
C THR B 210 2.69 -12.27 10.87
N LEU B 211 3.95 -12.38 11.31
CA LEU B 211 5.07 -12.33 10.36
C LEU B 211 5.05 -13.54 9.43
N LEU B 212 4.92 -14.74 10.00
CA LEU B 212 4.93 -15.95 9.17
C LEU B 212 3.80 -15.93 8.15
N ALA B 213 2.60 -15.54 8.56
CA ALA B 213 1.45 -15.54 7.65
C ALA B 213 1.71 -14.66 6.44
N ARG B 214 2.33 -13.49 6.65
CA ARG B 214 2.58 -12.59 5.53
C ARG B 214 3.68 -13.13 4.61
N CYS B 215 4.73 -13.71 5.18
CA CYS B 215 5.76 -14.31 4.34
C CYS B 215 5.18 -15.37 3.42
N TYR B 216 4.07 -15.99 3.82
CA TYR B 216 3.43 -17.02 3.00
C TYR B 216 2.48 -16.42 1.98
N ALA B 217 1.63 -15.48 2.41
CA ALA B 217 0.57 -14.97 1.54
C ALA B 217 1.07 -13.88 0.60
N SER B 218 2.18 -13.23 0.90
CA SER B 218 2.71 -12.19 0.02
C SER B 218 3.13 -12.80 -1.31
N SER B 219 2.46 -12.38 -2.38
CA SER B 219 2.80 -12.87 -3.71
C SER B 219 4.30 -12.72 -3.97
N ASP B 220 4.85 -13.64 -4.77
CA ASP B 220 6.27 -13.59 -5.09
C ASP B 220 6.67 -12.21 -5.60
N ALA B 221 5.82 -11.59 -6.43
CA ALA B 221 6.11 -10.25 -6.91
C ALA B 221 6.17 -9.26 -5.76
N ALA B 222 5.14 -9.25 -4.90
CA ALA B 222 5.15 -8.36 -3.75
C ALA B 222 6.31 -8.68 -2.82
N ARG B 223 6.59 -9.96 -2.60
CA ARG B 223 7.67 -10.34 -1.69
C ARG B 223 9.01 -9.83 -2.18
N ALA B 224 9.23 -9.84 -3.50
CA ALA B 224 10.48 -9.31 -4.05
C ALA B 224 10.63 -7.82 -3.76
N ILE B 225 9.53 -7.09 -3.84
CA ILE B 225 9.54 -5.65 -3.60
C ILE B 225 9.66 -5.37 -2.11
N ASN B 226 8.57 -5.59 -1.37
CA ASN B 226 8.52 -5.35 0.06
C ASN B 226 8.74 -6.67 0.79
N GLU B 227 9.92 -6.83 1.38
CA GLU B 227 10.19 -8.01 2.19
C GLU B 227 9.62 -7.84 3.60
N PRO B 228 8.78 -8.76 4.07
CA PRO B 228 8.33 -8.68 5.47
C PRO B 228 9.50 -8.84 6.43
N VAL B 229 9.65 -7.87 7.33
CA VAL B 229 10.79 -7.84 8.24
C VAL B 229 10.32 -7.83 9.69
N ILE B 230 9.13 -7.27 9.92
CA ILE B 230 8.57 -7.17 11.27
C ILE B 230 7.12 -7.65 11.24
N GLY B 231 6.75 -8.48 12.21
CA GLY B 231 5.35 -8.78 12.48
C GLY B 231 4.96 -8.17 13.81
N CYS B 232 4.09 -7.17 13.79
CA CYS B 232 3.78 -6.38 14.97
C CYS B 232 2.27 -6.36 15.18
N ILE B 233 1.88 -6.03 16.42
CA ILE B 233 0.48 -5.97 16.81
C ILE B 233 0.22 -4.62 17.47
N PHE B 234 -0.92 -4.00 17.10
CA PHE B 234 -1.36 -2.75 17.71
C PHE B 234 -2.87 -2.86 17.91
N GLY B 235 -3.27 -3.68 18.89
CA GLY B 235 -4.66 -3.89 19.20
C GLY B 235 -4.94 -3.81 20.68
N THR B 236 -5.51 -4.89 21.25
CA THR B 236 -5.74 -4.92 22.69
C THR B 236 -4.43 -4.69 23.45
N GLY B 237 -3.33 -5.26 22.95
CA GLY B 237 -2.01 -4.97 23.45
C GLY B 237 -1.12 -4.52 22.31
N THR B 238 0.17 -4.33 22.56
CA THR B 238 1.12 -3.96 21.52
C THR B 238 2.38 -4.80 21.67
N ASN B 239 2.92 -5.26 20.55
CA ASN B 239 4.11 -6.10 20.55
C ASN B 239 4.54 -6.33 19.11
N GLY B 240 5.77 -6.79 18.94
CA GLY B 240 6.27 -7.09 17.61
C GLY B 240 7.49 -7.99 17.65
N CYS B 241 7.71 -8.69 16.54
CA CYS B 241 8.80 -9.63 16.39
C CYS B 241 9.69 -9.22 15.23
N TYR B 242 10.91 -9.75 15.24
CA TYR B 242 11.87 -9.48 14.18
C TYR B 242 12.86 -10.63 14.13
N MET B 243 13.50 -10.78 12.98
CA MET B 243 14.51 -11.82 12.77
C MET B 243 15.86 -11.29 13.24
N GLU B 244 16.50 -12.02 14.16
CA GLU B 244 17.79 -11.66 14.70
C GLU B 244 18.84 -12.70 14.31
N LYS B 245 20.06 -12.25 14.03
CA LYS B 245 21.14 -13.19 13.73
C LYS B 245 21.37 -14.12 14.89
N LEU B 246 21.51 -15.42 14.60
CA LEU B 246 21.72 -16.40 15.65
C LEU B 246 22.94 -16.06 16.50
N GLU B 247 23.94 -15.41 15.92
CA GLU B 247 25.16 -15.09 16.67
C GLU B 247 24.91 -14.05 17.74
N ASN B 248 23.95 -13.14 17.53
CA ASN B 248 23.69 -12.08 18.50
C ASN B 248 22.80 -12.56 19.64
N ILE B 249 22.05 -13.64 19.45
CA ILE B 249 21.18 -14.16 20.49
C ILE B 249 22.03 -14.98 21.46
N HIS B 250 22.78 -14.27 22.31
CA HIS B 250 23.71 -14.95 23.22
C HIS B 250 22.97 -15.74 24.28
N LYS B 251 21.75 -15.32 24.62
CA LYS B 251 20.96 -16.02 25.63
C LYS B 251 20.72 -17.48 25.24
N LEU B 252 20.65 -17.78 23.95
CA LEU B 252 20.51 -19.15 23.50
C LEU B 252 21.79 -19.93 23.76
N ASP B 253 21.64 -21.21 24.10
CA ASP B 253 22.80 -22.03 24.42
C ASP B 253 23.82 -21.97 23.28
N PRO B 254 25.11 -21.73 23.57
CA PRO B 254 26.10 -21.68 22.48
C PRO B 254 26.14 -22.93 21.63
N ALA B 255 26.11 -24.12 22.24
CA ALA B 255 26.16 -25.36 21.46
C ALA B 255 24.93 -25.50 20.56
N SER B 256 23.75 -25.21 21.09
CA SER B 256 22.52 -25.34 20.29
C SER B 256 22.58 -24.41 19.09
N ARG B 257 23.15 -23.23 19.24
CA ARG B 257 23.33 -22.32 18.11
C ARG B 257 24.17 -22.97 17.02
N GLU B 258 25.35 -23.47 17.39
CA GLU B 258 26.25 -24.05 16.40
C GLU B 258 25.58 -25.19 15.63
N GLU B 259 24.75 -25.97 16.31
CA GLU B 259 24.02 -27.04 15.63
C GLU B 259 23.01 -26.47 14.64
N LEU B 260 22.37 -25.36 14.99
CA LEU B 260 21.45 -24.72 14.05
C LEU B 260 22.21 -24.11 12.89
N LEU B 261 23.30 -23.40 13.18
CA LEU B 261 24.10 -22.79 12.12
C LEU B 261 24.54 -23.84 11.10
N SER B 262 24.97 -25.01 11.58
CA SER B 262 25.42 -26.05 10.67
C SER B 262 24.28 -26.55 9.78
N GLN B 263 23.05 -26.50 10.28
CA GLN B 263 21.89 -26.91 9.50
C GLN B 263 21.52 -25.91 8.42
N GLY B 264 22.30 -24.84 8.25
CA GLY B 264 21.99 -23.83 7.26
C GLY B 264 21.14 -22.69 7.78
N LYS B 265 21.08 -22.49 9.09
CA LYS B 265 20.25 -21.45 9.68
C LYS B 265 21.08 -20.20 9.94
N THR B 266 20.41 -19.07 9.93
CA THR B 266 21.07 -17.77 10.07
C THR B 266 20.40 -16.87 11.11
N HIS B 267 19.08 -16.93 11.24
CA HIS B 267 18.35 -16.05 12.14
C HIS B 267 17.30 -16.85 12.90
N MET B 268 16.70 -16.20 13.89
CA MET B 268 15.59 -16.75 14.64
C MET B 268 14.70 -15.60 15.09
N CYS B 269 13.39 -15.81 15.04
CA CYS B 269 12.45 -14.77 15.43
C CYS B 269 12.64 -14.44 16.91
N ILE B 270 12.49 -13.15 17.24
CA ILE B 270 12.62 -12.65 18.60
C ILE B 270 11.31 -11.94 18.94
N ASN B 271 10.56 -12.50 19.89
CA ASN B 271 9.38 -11.82 20.42
C ASN B 271 9.88 -10.74 21.38
N THR B 272 9.94 -9.50 20.89
CA THR B 272 10.48 -8.41 21.70
C THR B 272 9.68 -8.23 22.98
N GLU B 273 8.37 -8.40 22.93
CA GLU B 273 7.49 -8.05 24.04
C GLU B 273 7.67 -6.59 24.41
N TRP B 274 7.65 -5.73 23.39
CA TRP B 274 8.04 -4.33 23.57
C TRP B 274 6.99 -3.52 24.33
N GLY B 275 5.88 -4.13 24.75
CA GLY B 275 5.03 -3.48 25.71
C GLY B 275 5.69 -3.28 27.06
N SER B 276 6.69 -4.10 27.39
CA SER B 276 7.46 -3.98 28.62
C SER B 276 8.73 -3.15 28.42
N PHE B 277 8.74 -2.26 27.44
CA PHE B 277 9.91 -1.45 27.16
C PHE B 277 9.95 -0.25 28.11
N ASP B 278 11.08 -0.08 28.79
CA ASP B 278 11.26 0.99 29.76
C ASP B 278 10.20 0.91 30.86
N ASN B 279 10.07 -0.26 31.48
CA ASN B 279 9.17 -0.38 32.62
C ASN B 279 9.63 0.50 33.79
N GLU B 280 10.91 0.87 33.84
CA GLU B 280 11.42 1.76 34.87
C GLU B 280 11.17 3.23 34.55
N LEU B 281 10.53 3.54 33.42
CA LEU B 281 10.20 4.91 33.04
C LEU B 281 11.42 5.83 33.09
N ASN B 282 12.56 5.33 32.60
CA ASN B 282 13.76 6.17 32.53
C ASN B 282 13.62 7.25 31.47
N HIS B 283 12.83 7.01 30.42
CA HIS B 283 12.67 8.00 29.35
C HIS B 283 11.25 8.09 28.80
N LEU B 284 10.39 7.11 29.03
CA LEU B 284 9.06 7.15 28.46
C LEU B 284 8.30 8.36 29.00
N PRO B 285 7.59 9.10 28.14
CA PRO B 285 6.74 10.19 28.65
C PRO B 285 5.77 9.68 29.71
N THR B 286 5.60 10.47 30.78
CA THR B 286 4.75 10.09 31.88
C THR B 286 3.90 11.28 32.30
N THR B 287 2.64 11.03 32.58
CA THR B 287 1.69 12.04 33.03
C THR B 287 1.04 11.58 34.32
N SER B 288 0.34 12.52 34.98
CA SER B 288 -0.42 12.16 36.16
C SER B 288 -1.45 11.08 35.84
N TYR B 289 -1.92 11.04 34.59
CA TYR B 289 -2.95 10.07 34.21
C TYR B 289 -2.35 8.71 33.91
N ASP B 290 -1.11 8.65 33.41
CA ASP B 290 -0.47 7.37 33.15
C ASP B 290 -0.06 6.68 34.45
N ILE B 291 0.26 7.45 35.49
CA ILE B 291 0.60 6.85 36.78
C ILE B 291 -0.66 6.28 37.43
N LYS B 292 -1.78 6.99 37.30
CA LYS B 292 -3.05 6.50 37.83
C LYS B 292 -3.39 5.14 37.26
N ILE B 293 -3.13 4.94 35.97
CA ILE B 293 -3.47 3.68 35.32
C ILE B 293 -2.52 2.56 35.76
N ASP B 294 -1.23 2.85 35.77
CA ASP B 294 -0.26 1.79 36.09
C ASP B 294 -0.47 1.25 37.50
N GLN B 295 -0.73 2.12 38.46
CA GLN B 295 -0.73 1.73 39.87
C GLN B 295 -2.11 1.35 40.39
N GLN B 296 -3.17 1.99 39.89
CA GLN B 296 -4.51 1.79 40.43
C GLN B 296 -5.36 0.85 39.58
N PHE B 297 -5.36 1.03 38.25
CA PHE B 297 -6.36 0.38 37.39
C PHE B 297 -5.82 -0.81 36.60
N SER B 298 -4.52 -1.07 36.62
CA SER B 298 -3.99 -2.17 35.82
C SER B 298 -3.97 -3.47 36.62
N THR B 299 -3.93 -4.59 35.89
CA THR B 299 -3.80 -5.90 36.51
C THR B 299 -2.36 -6.28 36.81
N ASN B 300 -1.39 -5.56 36.23
CA ASN B 300 0.03 -5.89 36.37
C ASN B 300 0.80 -4.59 36.59
N PRO B 301 0.62 -3.96 37.74
CA PRO B 301 1.36 -2.71 38.02
C PRO B 301 2.85 -2.93 37.95
N GLY B 302 3.55 -1.99 37.30
CA GLY B 302 4.98 -2.07 37.14
C GLY B 302 5.43 -2.81 35.90
N PHE B 303 4.49 -3.33 35.10
CA PHE B 303 4.82 -4.08 33.91
C PHE B 303 3.98 -3.58 32.75
N GLN B 304 4.47 -3.84 31.54
CA GLN B 304 3.79 -3.46 30.31
C GLN B 304 3.42 -1.98 30.32
N LEU B 305 4.42 -1.13 30.54
CA LEU B 305 4.18 0.30 30.67
C LEU B 305 4.15 1.02 29.32
N PHE B 306 5.04 0.65 28.39
CA PHE B 306 4.90 1.14 27.03
C PHE B 306 3.53 0.80 26.48
N GLU B 307 3.05 -0.42 26.78
CA GLU B 307 1.72 -0.83 26.33
C GLU B 307 0.65 0.10 26.88
N LYS B 308 0.76 0.47 28.16
CA LYS B 308 -0.25 1.29 28.82
C LYS B 308 -0.34 2.70 28.26
N ARG B 309 0.53 3.08 27.32
CA ARG B 309 0.48 4.38 26.68
C ARG B 309 0.12 4.30 25.20
N VAL B 310 -0.05 3.10 24.65
CA VAL B 310 -0.23 2.93 23.21
C VAL B 310 -1.40 2.02 22.90
N SER B 311 -1.50 0.90 23.62
CA SER B 311 -2.45 -0.14 23.24
C SER B 311 -3.89 0.29 23.55
N GLY B 312 -4.83 -0.38 22.89
CA GLY B 312 -6.22 0.02 22.95
C GLY B 312 -6.94 -0.33 24.23
N LEU B 313 -6.41 -1.28 25.01
CA LEU B 313 -7.03 -1.60 26.29
C LEU B 313 -6.95 -0.43 27.26
N TYR B 314 -5.99 0.48 27.07
CA TYR B 314 -5.69 1.54 28.03
C TYR B 314 -5.93 2.95 27.51
N LEU B 315 -6.09 3.14 26.20
CA LEU B 315 -6.22 4.50 25.67
C LEU B 315 -7.50 5.17 26.15
N GLY B 316 -8.62 4.46 26.09
CA GLY B 316 -9.88 5.04 26.55
C GLY B 316 -9.86 5.38 28.02
N GLU B 317 -9.15 4.57 28.83
CA GLU B 317 -9.03 4.86 30.25
C GLU B 317 -8.24 6.15 30.49
N ILE B 318 -7.26 6.44 29.63
CA ILE B 318 -6.52 7.69 29.78
C ILE B 318 -7.46 8.87 29.72
N LEU B 319 -8.49 8.79 28.87
CA LEU B 319 -9.45 9.88 28.78
C LEU B 319 -10.30 9.97 30.04
N ARG B 320 -10.71 8.83 30.59
CA ARG B 320 -11.55 8.84 31.77
C ARG B 320 -10.86 9.54 32.93
N ASN B 321 -9.55 9.31 33.09
CA ASN B 321 -8.82 9.96 34.18
C ASN B 321 -8.58 11.44 33.90
N ILE B 322 -8.38 11.81 32.62
CA ILE B 322 -8.25 13.21 32.27
C ILE B 322 -9.55 13.95 32.58
N LEU B 323 -10.68 13.28 32.39
CA LEU B 323 -11.98 13.90 32.65
C LEU B 323 -12.28 13.97 34.14
N LEU B 324 -12.01 12.89 34.88
CA LEU B 324 -12.21 12.91 36.31
C LEU B 324 -11.29 13.93 36.99
N ASP B 325 -10.07 14.08 36.48
CA ASP B 325 -9.16 15.08 37.04
C ASP B 325 -9.64 16.49 36.72
N LEU B 326 -10.36 16.68 35.62
CA LEU B 326 -10.89 17.99 35.28
C LEU B 326 -12.17 18.32 36.04
N GLU B 327 -12.86 17.31 36.58
CA GLU B 327 -13.98 17.59 37.48
C GLU B 327 -13.51 17.87 38.89
N LYS B 328 -12.50 17.13 39.36
CA LYS B 328 -11.93 17.39 40.68
C LYS B 328 -11.44 18.83 40.79
N GLN B 329 -11.02 19.42 39.67
CA GLN B 329 -10.62 20.82 39.63
C GLN B 329 -11.80 21.75 39.40
N GLU B 330 -13.03 21.22 39.38
CA GLU B 330 -14.24 22.03 39.19
C GLU B 330 -14.23 22.71 37.83
N LEU B 331 -13.56 22.11 36.85
CA LEU B 331 -13.47 22.65 35.51
C LEU B 331 -14.43 22.01 34.53
N PHE B 332 -14.80 20.75 34.76
CA PHE B 332 -15.69 20.02 33.85
C PHE B 332 -16.84 19.40 34.64
N ASP B 333 -18.04 19.50 34.07
CA ASP B 333 -19.26 18.99 34.68
C ASP B 333 -19.54 17.61 34.11
N LEU B 334 -19.29 16.57 34.93
CA LEU B 334 -19.62 15.21 34.52
C LEU B 334 -21.12 14.93 34.54
N LYS B 335 -21.92 15.83 35.11
CA LYS B 335 -23.38 15.73 35.07
C LYS B 335 -23.76 14.41 35.75
N GLU B 336 -24.59 13.56 35.14
CA GLU B 336 -24.99 12.30 35.74
C GLU B 336 -24.24 11.10 35.15
N SER B 337 -23.03 11.33 34.65
CA SER B 337 -22.26 10.24 34.07
C SER B 337 -21.99 9.16 35.12
N VAL B 338 -21.57 7.99 34.63
CA VAL B 338 -21.17 6.88 35.49
C VAL B 338 -19.69 6.56 35.31
N LEU B 339 -18.90 7.55 34.88
CA LEU B 339 -17.46 7.34 34.71
C LEU B 339 -16.81 6.96 36.04
N LYS B 340 -17.09 7.72 37.09
CA LYS B 340 -16.45 7.50 38.37
C LYS B 340 -16.69 6.07 38.85
N ASN B 341 -15.63 5.45 39.36
CA ASN B 341 -15.67 4.12 39.96
C ASN B 341 -16.02 3.02 38.95
N ASN B 342 -15.77 3.27 37.67
CA ASN B 342 -15.96 2.25 36.63
C ASN B 342 -14.76 2.31 35.69
N PRO B 343 -13.65 1.70 36.08
CA PRO B 343 -12.45 1.73 35.24
C PRO B 343 -12.71 1.09 33.87
N PHE B 344 -12.03 1.62 32.86
CA PHE B 344 -12.07 1.12 31.50
C PHE B 344 -13.47 1.22 30.89
N ILE B 345 -14.35 2.03 31.47
CA ILE B 345 -15.69 2.18 30.91
C ILE B 345 -15.62 2.91 29.56
N LEU B 346 -14.69 3.84 29.42
CA LEU B 346 -14.43 4.49 28.14
C LEU B 346 -13.39 3.66 27.40
N THR B 347 -13.79 3.05 26.28
CA THR B 347 -12.92 2.22 25.48
C THR B 347 -12.33 3.01 24.33
N THR B 348 -11.35 2.39 23.65
CA THR B 348 -10.78 3.02 22.46
C THR B 348 -11.79 3.10 21.33
N GLU B 349 -12.73 2.15 21.27
CA GLU B 349 -13.80 2.25 20.28
C GLU B 349 -14.64 3.50 20.51
N THR B 350 -14.82 3.91 21.76
CA THR B 350 -15.48 5.18 22.04
C THR B 350 -14.69 6.34 21.45
N LEU B 351 -13.37 6.36 21.69
CA LEU B 351 -12.53 7.42 21.16
C LEU B 351 -12.44 7.40 19.64
N SER B 352 -12.69 6.26 19.01
CA SER B 352 -12.57 6.20 17.55
C SER B 352 -13.67 7.02 16.88
N HIS B 353 -14.87 7.04 17.46
CA HIS B 353 -15.95 7.88 16.94
C HIS B 353 -15.74 9.35 17.25
N ILE B 354 -14.67 9.69 17.98
CA ILE B 354 -14.39 11.06 18.35
C ILE B 354 -13.18 11.62 17.60
N GLU B 355 -12.27 10.77 17.11
CA GLU B 355 -11.03 11.25 16.51
C GLU B 355 -11.30 12.15 15.31
N ILE B 356 -12.31 11.84 14.50
CA ILE B 356 -12.50 12.48 13.22
C ILE B 356 -13.86 13.16 13.09
N ASP B 357 -14.63 13.22 14.18
CA ASP B 357 -15.89 13.96 14.13
C ASP B 357 -15.62 15.43 13.83
N THR B 358 -16.58 16.07 13.16
CA THR B 358 -16.42 17.42 12.66
C THR B 358 -17.40 18.37 13.34
N VAL B 359 -17.05 19.66 13.33
CA VAL B 359 -17.89 20.67 13.96
C VAL B 359 -19.17 20.88 13.17
N GLU B 360 -19.12 20.73 11.84
CA GLU B 360 -20.33 20.90 11.03
C GLU B 360 -21.44 19.95 11.45
N ASN B 361 -21.11 18.86 12.14
CA ASN B 361 -22.11 17.95 12.69
C ASN B 361 -22.31 18.17 14.18
N ASP B 362 -21.89 19.32 14.71
CA ASP B 362 -21.94 19.61 16.14
C ASP B 362 -21.34 18.46 16.96
N LEU B 363 -20.33 17.80 16.40
CA LEU B 363 -19.66 16.67 17.04
C LEU B 363 -20.69 15.72 17.64
N GLN B 364 -21.64 15.29 16.81
CA GLN B 364 -22.75 14.47 17.29
C GLN B 364 -22.28 13.06 17.62
N ASP B 365 -21.41 12.48 16.80
CA ASP B 365 -20.89 11.15 17.11
C ASP B 365 -20.25 11.12 18.49
N THR B 366 -19.48 12.17 18.83
CA THR B 366 -18.90 12.25 20.16
C THR B 366 -19.98 12.30 21.23
N ARG B 367 -20.98 13.16 21.03
CA ARG B 367 -22.08 13.24 21.99
C ARG B 367 -22.74 11.89 22.18
N ASP B 368 -23.05 11.20 21.08
CA ASP B 368 -23.73 9.91 21.16
C ASP B 368 -22.80 8.84 21.72
N ALA B 369 -21.51 8.90 21.35
CA ALA B 369 -20.57 7.88 21.83
C ALA B 369 -20.33 8.03 23.32
N LEU B 370 -20.32 9.26 23.82
CA LEU B 370 -20.15 9.48 25.25
C LEU B 370 -21.40 9.10 26.02
N LEU B 371 -22.57 9.30 25.42
CA LEU B 371 -23.82 8.88 26.06
C LEU B 371 -23.96 7.36 26.05
N LYS B 372 -23.51 6.71 24.97
CA LYS B 372 -23.61 5.26 24.88
C LYS B 372 -22.67 4.58 25.86
N ALA B 373 -21.54 5.20 26.19
CA ALA B 373 -20.51 4.57 26.99
C ALA B 373 -20.60 4.89 28.48
N ALA B 374 -21.07 6.08 28.84
CA ALA B 374 -21.09 6.44 30.26
C ALA B 374 -22.21 7.42 30.62
N ASP B 375 -23.28 7.50 29.84
CA ASP B 375 -24.40 8.39 30.13
C ASP B 375 -23.91 9.80 30.46
N LEU B 376 -22.90 10.26 29.73
CA LEU B 376 -22.32 11.58 29.93
C LEU B 376 -22.86 12.53 28.88
N GLU B 377 -23.62 13.53 29.32
CA GLU B 377 -24.09 14.57 28.42
C GLU B 377 -22.97 15.60 28.19
N THR B 378 -23.09 16.33 27.08
CA THR B 378 -22.06 17.30 26.71
C THR B 378 -22.68 18.42 25.91
N THR B 379 -21.95 19.53 25.83
CA THR B 379 -22.28 20.64 24.97
C THR B 379 -21.29 20.70 23.81
N PHE B 380 -21.60 21.54 22.81
CA PHE B 380 -20.72 21.65 21.66
C PHE B 380 -19.34 22.16 22.06
N GLU B 381 -19.31 23.25 22.83
CA GLU B 381 -18.02 23.80 23.27
C GLU B 381 -17.26 22.80 24.11
N GLU B 382 -17.96 21.95 24.87
CA GLU B 382 -17.26 20.93 25.66
C GLU B 382 -16.68 19.85 24.75
N ARG B 383 -17.43 19.44 23.73
CA ARG B 383 -16.94 18.42 22.80
C ARG B 383 -15.77 18.94 21.97
N VAL B 384 -15.78 20.23 21.63
CA VAL B 384 -14.65 20.80 20.90
C VAL B 384 -13.33 20.48 21.61
N LEU B 385 -13.34 20.58 22.94
CA LEU B 385 -12.13 20.35 23.72
C LEU B 385 -11.91 18.86 24.00
N ILE B 386 -12.98 18.07 24.10
CA ILE B 386 -12.82 16.63 24.27
C ILE B 386 -12.10 16.03 23.06
N GLN B 387 -12.36 16.56 21.87
CA GLN B 387 -11.67 16.05 20.69
C GLN B 387 -10.20 16.39 20.72
N LYS B 388 -9.85 17.60 21.18
CA LYS B 388 -8.45 17.96 21.31
C LYS B 388 -7.72 17.03 22.26
N LEU B 389 -8.41 16.53 23.29
CA LEU B 389 -7.78 15.57 24.20
C LEU B 389 -7.60 14.22 23.52
N VAL B 390 -8.66 13.70 22.89
CA VAL B 390 -8.55 12.43 22.19
C VAL B 390 -7.48 12.50 21.11
N ARG B 391 -7.46 13.60 20.35
CA ARG B 391 -6.47 13.73 19.29
C ARG B 391 -5.05 13.85 19.84
N ALA B 392 -4.91 14.34 21.07
CA ALA B 392 -3.58 14.40 21.69
C ALA B 392 -3.17 13.05 22.24
N ILE B 393 -4.13 12.28 22.77
CA ILE B 393 -3.82 10.93 23.26
C ILE B 393 -3.44 10.03 22.10
N SER B 394 -4.09 10.19 20.96
CA SER B 394 -3.83 9.31 19.82
C SER B 394 -2.49 9.63 19.17
N ARG B 395 -2.21 10.92 18.95
CA ARG B 395 -0.95 11.31 18.32
C ARG B 395 0.24 10.81 19.14
N ARG B 396 0.20 10.99 20.45
CA ARG B 396 1.27 10.46 21.29
C ARG B 396 1.36 8.95 21.17
N ALA B 397 0.21 8.27 21.10
CA ALA B 397 0.22 6.82 20.97
C ALA B 397 0.84 6.38 19.65
N ALA B 398 0.49 7.06 18.55
CA ALA B 398 1.06 6.70 17.26
C ALA B 398 2.54 7.01 17.20
N PHE B 399 2.92 8.23 17.63
CA PHE B 399 4.34 8.59 17.62
C PHE B 399 5.16 7.62 18.46
N LEU B 400 4.65 7.23 19.63
CA LEU B 400 5.35 6.24 20.44
C LEU B 400 5.34 4.87 19.77
N ALA B 401 4.27 4.53 19.05
CA ALA B 401 4.18 3.24 18.38
C ALA B 401 5.26 3.06 17.32
N ALA B 402 5.83 4.15 16.81
CA ALA B 402 6.85 4.06 15.77
C ALA B 402 8.24 3.78 16.32
N VAL B 403 8.49 4.12 17.60
CA VAL B 403 9.83 3.95 18.16
C VAL B 403 10.31 2.50 18.04
N PRO B 404 9.55 1.49 18.48
CA PRO B 404 10.06 0.12 18.36
C PRO B 404 10.34 -0.29 16.93
N ILE B 405 9.54 0.18 15.98
CA ILE B 405 9.74 -0.18 14.58
C ILE B 405 11.03 0.43 14.05
N ALA B 406 11.21 1.72 14.27
CA ALA B 406 12.44 2.37 13.81
C ALA B 406 13.67 1.73 14.45
N ALA B 407 13.61 1.48 15.76
CA ALA B 407 14.74 0.86 16.44
C ALA B 407 15.10 -0.47 15.80
N ILE B 408 14.11 -1.30 15.51
CA ILE B 408 14.38 -2.62 14.94
C ILE B 408 15.00 -2.47 13.55
N LEU B 409 14.43 -1.61 12.71
CA LEU B 409 14.97 -1.43 11.36
C LEU B 409 16.41 -0.93 11.41
N ILE B 410 16.72 -0.01 12.33
CA ILE B 410 18.07 0.51 12.43
C ILE B 410 19.03 -0.58 12.90
N LYS B 411 18.67 -1.30 13.96
CA LYS B 411 19.59 -2.28 14.53
C LYS B 411 20.01 -3.31 13.49
N THR B 412 19.08 -3.71 12.63
CA THR B 412 19.35 -4.71 11.61
C THR B 412 19.74 -4.10 10.26
N ASN B 413 19.74 -2.77 10.15
CA ASN B 413 20.05 -2.09 8.90
C ASN B 413 19.26 -2.71 7.75
N ALA B 414 17.95 -2.82 7.95
CA ALA B 414 17.09 -3.49 6.98
C ALA B 414 16.72 -2.61 5.80
N LEU B 415 16.92 -1.29 5.89
CA LEU B 415 16.49 -0.41 4.81
C LEU B 415 17.55 -0.18 3.73
N ASN B 416 18.82 -0.42 4.03
CA ASN B 416 19.89 -0.25 3.05
C ASN B 416 20.58 -1.60 2.79
N GLN B 417 19.84 -2.52 2.19
CA GLN B 417 20.37 -3.84 1.85
C GLN B 417 20.49 -4.05 0.35
N SER B 418 20.06 -3.07 -0.44
CA SER B 418 20.11 -3.13 -1.89
C SER B 418 19.79 -1.73 -2.40
N TYR B 419 19.89 -1.55 -3.73
CA TYR B 419 19.64 -0.24 -4.32
C TYR B 419 18.22 0.22 -4.05
N HIS B 420 17.24 -0.49 -4.61
CA HIS B 420 15.83 -0.14 -4.43
C HIS B 420 15.21 -0.98 -3.32
N CYS B 421 15.76 -0.85 -2.11
CA CYS B 421 15.36 -1.69 -1.00
C CYS B 421 14.16 -1.10 -0.28
N GLN B 422 13.15 -1.92 -0.05
CA GLN B 422 12.01 -1.55 0.77
C GLN B 422 11.67 -2.73 1.67
N VAL B 423 10.91 -2.46 2.72
CA VAL B 423 10.52 -3.46 3.70
C VAL B 423 9.01 -3.40 3.92
N GLU B 424 8.49 -4.44 4.55
CA GLU B 424 7.07 -4.52 4.89
C GLU B 424 6.96 -4.81 6.37
N VAL B 425 6.16 -4.01 7.07
CA VAL B 425 5.87 -4.20 8.49
C VAL B 425 4.44 -4.71 8.57
N GLY B 426 4.27 -5.97 8.93
CA GLY B 426 2.95 -6.54 9.08
C GLY B 426 2.31 -6.08 10.37
N CYS B 427 1.17 -5.40 10.26
CA CYS B 427 0.47 -4.83 11.41
C CYS B 427 -0.91 -5.46 11.49
N ASP B 428 -1.22 -6.03 12.65
CA ASP B 428 -2.56 -6.54 12.95
C ASP B 428 -3.01 -5.93 14.27
N GLY B 429 -4.28 -5.58 14.35
CA GLY B 429 -4.82 -5.01 15.57
C GLY B 429 -5.91 -4.00 15.27
N SER B 430 -6.83 -3.85 16.23
CA SER B 430 -7.97 -2.96 16.04
C SER B 430 -7.54 -1.50 15.94
N VAL B 431 -6.44 -1.12 16.59
CA VAL B 431 -6.02 0.29 16.59
C VAL B 431 -5.40 0.66 15.25
N VAL B 432 -4.31 -0.04 14.88
CA VAL B 432 -3.64 0.27 13.63
C VAL B 432 -4.57 0.10 12.45
N GLU B 433 -5.49 -0.87 12.52
CA GLU B 433 -6.34 -1.20 11.39
C GLU B 433 -7.49 -0.21 11.25
N HIS B 434 -8.20 0.05 12.34
CA HIS B 434 -9.46 0.78 12.26
C HIS B 434 -9.44 2.15 12.92
N TYR B 435 -8.46 2.46 13.76
CA TYR B 435 -8.47 3.77 14.42
C TYR B 435 -8.13 4.86 13.42
N PRO B 436 -8.97 5.87 13.23
CA PRO B 436 -8.70 6.89 12.22
C PRO B 436 -7.37 7.59 12.46
N GLY B 437 -6.52 7.59 11.42
CA GLY B 437 -5.31 8.38 11.41
C GLY B 437 -4.11 7.75 12.07
N PHE B 438 -4.26 6.59 12.71
CA PHE B 438 -3.15 6.01 13.46
C PHE B 438 -1.95 5.78 12.56
N ARG B 439 -2.12 4.99 11.49
CA ARG B 439 -1.00 4.73 10.58
C ARG B 439 -0.45 6.03 10.01
N SER B 440 -1.32 6.98 9.69
CA SER B 440 -0.84 8.26 9.16
C SER B 440 0.08 8.95 10.16
N MET B 441 -0.29 8.95 11.44
CA MET B 441 0.55 9.57 12.45
C MET B 441 1.79 8.74 12.75
N MET B 442 1.69 7.41 12.66
CA MET B 442 2.88 6.58 12.83
C MET B 442 3.94 6.93 11.79
N ARG B 443 3.52 7.13 10.54
CA ARG B 443 4.48 7.44 9.49
C ARG B 443 5.09 8.82 9.67
N HIS B 444 4.30 9.77 10.18
CA HIS B 444 4.85 11.08 10.53
C HIS B 444 5.99 10.93 11.54
N ALA B 445 5.85 9.98 12.46
CA ALA B 445 6.89 9.77 13.47
C ALA B 445 8.09 9.01 12.90
N LEU B 446 7.83 7.98 12.09
CA LEU B 446 8.94 7.27 11.44
C LEU B 446 9.79 8.22 10.60
N ALA B 447 9.16 9.24 10.00
CA ALA B 447 9.92 10.22 9.23
C ALA B 447 10.74 11.11 10.13
N LEU B 448 10.26 11.38 11.34
CA LEU B 448 11.03 12.14 12.32
C LEU B 448 12.05 11.28 13.06
N SER B 449 11.93 9.95 12.98
CA SER B 449 12.88 9.07 13.63
C SER B 449 14.23 9.13 12.92
N PRO B 450 15.25 8.48 13.46
CA PRO B 450 16.57 8.53 12.82
C PRO B 450 16.63 7.96 11.41
N ILE B 451 15.59 7.26 10.93
CA ILE B 451 15.62 6.77 9.56
C ILE B 451 15.20 7.84 8.57
N GLY B 452 14.64 8.94 9.03
CA GLY B 452 14.34 10.08 8.19
C GLY B 452 13.19 9.82 7.23
N PRO B 453 12.72 10.88 6.55
CA PRO B 453 11.66 10.68 5.55
C PRO B 453 12.06 9.73 4.45
N GLU B 454 13.35 9.69 4.10
CA GLU B 454 13.82 8.72 3.12
C GLU B 454 13.56 7.29 3.57
N GLY B 455 13.63 7.03 4.88
CA GLY B 455 13.39 5.71 5.40
C GLY B 455 11.93 5.37 5.46
N GLU B 456 11.10 6.31 5.93
CA GLU B 456 9.66 6.06 6.00
C GLU B 456 9.12 5.67 4.63
N ARG B 457 9.61 6.30 3.57
CA ARG B 457 9.12 5.98 2.23
C ARG B 457 9.53 4.58 1.79
N ASP B 458 10.56 4.00 2.40
CA ASP B 458 10.97 2.63 2.14
C ASP B 458 10.30 1.63 3.07
N VAL B 459 9.43 2.09 3.98
CA VAL B 459 8.71 1.22 4.91
C VAL B 459 7.25 1.19 4.50
N HIS B 460 6.67 -0.01 4.44
CA HIS B 460 5.29 -0.22 4.05
C HIS B 460 4.53 -0.78 5.26
N LEU B 461 3.79 0.08 5.96
CA LEU B 461 2.94 -0.34 7.07
C LEU B 461 1.69 -0.98 6.49
N ARG B 462 1.68 -2.32 6.43
CA ARG B 462 0.61 -3.07 5.78
C ARG B 462 -0.19 -3.84 6.82
N ILE B 463 -1.53 -3.73 6.73
CA ILE B 463 -2.40 -4.52 7.58
C ILE B 463 -2.30 -5.98 7.17
N SER B 464 -2.28 -6.87 8.16
CA SER B 464 -2.15 -8.31 7.93
C SER B 464 -3.55 -8.91 8.01
N LYS B 465 -4.23 -8.93 6.87
CA LYS B 465 -5.57 -9.49 6.77
C LYS B 465 -5.58 -11.01 6.62
N ASP B 466 -4.46 -11.68 6.94
CA ASP B 466 -4.42 -13.14 6.93
C ASP B 466 -4.75 -13.74 8.29
N GLY B 467 -4.22 -13.17 9.36
CA GLY B 467 -4.48 -13.69 10.68
C GLY B 467 -3.35 -14.58 11.18
N SER B 468 -3.21 -14.66 12.50
CA SER B 468 -2.22 -15.52 13.10
C SER B 468 -2.60 -17.01 13.05
N GLY B 469 -3.77 -17.35 12.52
CA GLY B 469 -4.13 -18.75 12.39
C GLY B 469 -3.34 -19.45 11.30
N VAL B 470 -3.14 -18.78 10.17
CA VAL B 470 -2.29 -19.34 9.11
C VAL B 470 -0.87 -19.52 9.63
N GLY B 471 -0.40 -18.57 10.45
CA GLY B 471 0.95 -18.67 10.97
C GLY B 471 1.15 -19.89 11.85
N ALA B 472 0.22 -20.11 12.79
CA ALA B 472 0.31 -21.29 13.64
C ALA B 472 0.15 -22.57 12.83
N ALA B 473 -0.71 -22.54 11.80
CA ALA B 473 -0.82 -23.69 10.91
C ALA B 473 0.51 -23.99 10.23
N LEU B 474 1.28 -22.96 9.89
CA LEU B 474 2.57 -23.17 9.25
C LEU B 474 3.56 -23.83 10.21
N CYS B 475 3.53 -23.46 11.49
CA CYS B 475 4.39 -24.11 12.45
C CYS B 475 3.99 -25.55 12.73
N ALA B 476 2.72 -25.89 12.47
CA ALA B 476 2.27 -27.26 12.70
C ALA B 476 2.58 -28.16 11.51
N LEU B 477 2.40 -27.66 10.29
CA LEU B 477 2.77 -28.44 9.11
C LEU B 477 4.24 -28.85 9.16
N HIS B 478 5.09 -28.05 9.79
CA HIS B 478 6.50 -28.38 9.90
C HIS B 478 6.75 -29.39 11.01
N ALA B 479 6.19 -29.15 12.19
CA ALA B 479 6.46 -30.00 13.33
C ALA B 479 5.84 -31.38 13.12
N ASN B 480 6.31 -32.33 13.92
CA ASN B 480 5.84 -33.70 13.84
C ASN B 480 4.65 -33.93 14.78
N TYR B 481 3.89 -34.98 14.49
CA TYR B 481 2.73 -35.33 15.28
C TYR B 481 3.16 -35.85 16.66
#